data_6NXJ
#
_entry.id   6NXJ
#
_cell.length_a   49.161
_cell.length_b   71.922
_cell.length_c   104.569
_cell.angle_alpha   90.000
_cell.angle_beta   93.290
_cell.angle_gamma   90.000
#
_symmetry.space_group_name_H-M   'P 1 21 1'
#
loop_
_entity.id
_entity.type
_entity.pdbx_description
1 polymer 'FAD:protein FMN transferase'
2 non-polymer 'FLAVIN-ADENINE DINUCLEOTIDE'
3 non-polymer 'MAGNESIUM ION'
4 water water
#
_entity_poly.entity_id   1
_entity_poly.type   'polypeptide(L)'
_entity_poly.pdbx_seq_one_letter_code
;MEKPAEQVHLSGPTMGTTYNIKYIQQPGIADSKTLQTEIDRLLEEVNDQMSTYRKDSELSRFNQHTSSEPFAVSTQTLTV
VKEAIRLNGLTEGALDVTVGPLVNLWGFGPEARPDVVPTDEELNARRAITGIEHLTIEGNTLSKDIPELYVDLSTIAKGW
GVDVVADYLQSQGIENYMVEIGGEIRLKGLNRDGVPWRIAIEKPSVDQRSVQEIIEPGDYAIATSGDYRNYFEQDGVRYS
GIIDPTTGRPINNRVVSVTVLDKSCMTADGLATGLMVMGEERGMAVAEANQIPVLMIVKTDDGFKEYASSSFKPFLSKGG
GGHHHHHH
;
_entity_poly.pdbx_strand_id   A,B
#
loop_
_chem_comp.id
_chem_comp.type
_chem_comp.name
_chem_comp.formula
FAD non-polymer 'FLAVIN-ADENINE DINUCLEOTIDE' 'C27 H33 N9 O15 P2'
MG non-polymer 'MAGNESIUM ION' 'Mg 2'
#
# COMPACT_ATOMS: atom_id res chain seq x y z
N ALA A 5 -25.78 6.45 -8.39
CA ALA A 5 -24.36 6.56 -8.84
C ALA A 5 -24.21 5.83 -10.18
N GLU A 6 -23.14 6.11 -10.93
CA GLU A 6 -22.86 5.38 -12.18
C GLU A 6 -21.86 4.26 -11.85
N GLN A 7 -22.26 3.00 -12.05
CA GLN A 7 -21.42 1.81 -11.80
C GLN A 7 -20.95 1.30 -13.15
N VAL A 8 -19.66 1.08 -13.26
CA VAL A 8 -18.97 0.60 -14.47
C VAL A 8 -18.59 -0.85 -14.17
N HIS A 9 -18.78 -1.73 -15.13
CA HIS A 9 -18.44 -3.17 -15.00
C HIS A 9 -17.42 -3.53 -16.08
N LEU A 10 -16.24 -3.98 -15.68
CA LEU A 10 -15.23 -4.51 -16.62
C LEU A 10 -15.06 -6.01 -16.37
N SER A 11 -14.92 -6.77 -17.44
CA SER A 11 -14.79 -8.24 -17.36
C SER A 11 -13.78 -8.72 -18.39
N GLY A 12 -13.08 -9.81 -18.12
CA GLY A 12 -12.11 -10.36 -19.07
C GLY A 12 -11.53 -11.67 -18.58
N PRO A 13 -10.76 -12.37 -19.44
CA PRO A 13 -10.13 -13.63 -19.05
C PRO A 13 -8.76 -13.42 -18.39
N THR A 14 -8.45 -14.19 -17.34
CA THR A 14 -7.11 -14.27 -16.72
C THR A 14 -7.02 -15.56 -15.92
N MET A 15 -5.82 -16.18 -15.89
CA MET A 15 -5.48 -17.24 -14.91
C MET A 15 -6.41 -18.45 -15.11
N GLY A 16 -6.86 -18.69 -16.36
CA GLY A 16 -7.79 -19.79 -16.71
C GLY A 16 -9.22 -19.57 -16.17
N THR A 17 -9.53 -18.39 -15.63
CA THR A 17 -10.90 -18.01 -15.15
C THR A 17 -11.26 -16.62 -15.73
N THR A 18 -12.07 -15.84 -15.02
CA THR A 18 -12.45 -14.47 -15.44
C THR A 18 -12.33 -13.52 -14.24
N TYR A 19 -12.16 -12.24 -14.56
CA TYR A 19 -12.24 -11.12 -13.60
C TYR A 19 -13.54 -10.37 -13.88
N ASN A 20 -14.07 -9.80 -12.82
CA ASN A 20 -15.22 -8.86 -12.79
C ASN A 20 -14.84 -7.71 -11.86
N ILE A 21 -14.74 -6.52 -12.44
CA ILE A 21 -14.45 -5.27 -11.68
C ILE A 21 -15.68 -4.37 -11.79
N LYS A 22 -16.20 -3.94 -10.65
CA LYS A 22 -17.26 -2.91 -10.58
C LYS A 22 -16.70 -1.70 -9.84
N TYR A 23 -16.99 -0.49 -10.30
CA TYR A 23 -16.54 0.74 -9.60
C TYR A 23 -17.53 1.86 -9.92
N ILE A 24 -17.55 2.82 -9.03
CA ILE A 24 -18.43 4.01 -9.12
C ILE A 24 -17.61 5.14 -9.75
N GLN A 25 -18.03 5.56 -10.95
CA GLN A 25 -17.48 6.73 -11.67
C GLN A 25 -17.51 7.97 -10.77
N GLN A 26 -16.54 8.86 -10.97
CA GLN A 26 -16.40 10.14 -10.23
C GLN A 26 -15.86 11.17 -11.21
N PRO A 27 -16.08 12.48 -10.96
CA PRO A 27 -15.50 13.50 -11.84
C PRO A 27 -13.97 13.31 -11.89
N GLY A 28 -13.41 13.35 -13.09
CA GLY A 28 -11.96 13.48 -13.28
C GLY A 28 -11.29 12.12 -13.36
N ILE A 29 -12.03 11.04 -13.12
CA ILE A 29 -11.54 9.62 -13.23
C ILE A 29 -11.20 9.37 -14.70
N ALA A 30 -10.14 8.63 -14.97
CA ALA A 30 -9.78 8.13 -16.31
C ALA A 30 -10.95 7.35 -16.90
N ASP A 31 -11.02 7.27 -18.22
CA ASP A 31 -12.12 6.55 -18.90
C ASP A 31 -11.91 5.04 -18.71
N SER A 32 -13.01 4.28 -18.74
CA SER A 32 -13.07 2.81 -18.51
C SER A 32 -12.10 2.08 -19.45
N LYS A 33 -11.88 2.56 -20.66
CA LYS A 33 -11.04 1.81 -21.62
C LYS A 33 -9.56 1.97 -21.27
N THR A 34 -9.15 3.15 -20.86
CA THR A 34 -7.78 3.38 -20.35
C THR A 34 -7.58 2.48 -19.15
N LEU A 35 -8.49 2.48 -18.20
CA LEU A 35 -8.33 1.68 -16.96
C LEU A 35 -8.26 0.19 -17.35
N GLN A 36 -9.11 -0.27 -18.26
CA GLN A 36 -9.16 -1.73 -18.57
C GLN A 36 -7.87 -2.16 -19.29
N THR A 37 -7.32 -1.34 -20.20
CA THR A 37 -6.07 -1.69 -20.91
C THR A 37 -4.96 -1.89 -19.87
N GLU A 38 -4.90 -1.03 -18.86
CA GLU A 38 -3.87 -1.17 -17.79
C GLU A 38 -4.19 -2.39 -16.91
N ILE A 39 -5.44 -2.62 -16.54
CA ILE A 39 -5.83 -3.81 -15.74
C ILE A 39 -5.40 -5.08 -16.48
N ASP A 40 -5.67 -5.16 -17.77
CA ASP A 40 -5.26 -6.33 -18.58
C ASP A 40 -3.73 -6.44 -18.62
N ARG A 41 -2.98 -5.33 -18.72
CA ARG A 41 -1.50 -5.38 -18.74
C ARG A 41 -0.97 -5.93 -17.39
N LEU A 42 -1.52 -5.46 -16.29
CA LEU A 42 -1.08 -5.88 -14.92
C LEU A 42 -1.38 -7.35 -14.68
N LEU A 43 -2.53 -7.83 -15.15
CA LEU A 43 -2.93 -9.24 -14.95
C LEU A 43 -2.10 -10.11 -15.88
N GLU A 44 -1.85 -9.69 -17.12
CA GLU A 44 -0.93 -10.47 -18.00
C GLU A 44 0.42 -10.60 -17.25
N GLU A 45 0.88 -9.52 -16.62
CA GLU A 45 2.18 -9.53 -15.90
C GLU A 45 2.10 -10.54 -14.75
N VAL A 46 0.98 -10.64 -14.01
CA VAL A 46 0.89 -11.62 -12.88
C VAL A 46 1.07 -13.01 -13.50
N ASN A 47 0.42 -13.28 -14.63
CA ASN A 47 0.53 -14.58 -15.36
C ASN A 47 1.99 -14.85 -15.83
N ASP A 48 2.64 -13.84 -16.40
CA ASP A 48 4.02 -13.98 -16.93
C ASP A 48 5.02 -14.08 -15.77
N GLN A 49 4.66 -13.65 -14.57
CA GLN A 49 5.52 -13.86 -13.39
C GLN A 49 5.21 -15.21 -12.74
N MET A 50 3.92 -15.58 -12.61
CA MET A 50 3.55 -16.62 -11.59
C MET A 50 2.64 -17.72 -12.14
N SER A 51 2.31 -17.77 -13.44
CA SER A 51 1.48 -18.89 -13.95
C SER A 51 2.35 -20.15 -14.07
N THR A 52 1.99 -21.24 -13.39
CA THR A 52 2.58 -22.59 -13.63
C THR A 52 2.20 -23.11 -15.02
N TYR A 53 1.14 -22.63 -15.68
CA TYR A 53 0.73 -23.13 -17.03
C TYR A 53 1.57 -22.49 -18.14
N ARG A 54 2.28 -21.38 -17.87
CA ARG A 54 3.17 -20.75 -18.90
C ARG A 54 4.59 -21.27 -18.71
N LYS A 55 5.11 -21.98 -19.71
CA LYS A 55 6.43 -22.64 -19.62
C LYS A 55 7.54 -21.62 -19.39
N ASP A 56 7.36 -20.36 -19.79
CA ASP A 56 8.39 -19.30 -19.71
C ASP A 56 8.01 -18.24 -18.69
N SER A 57 7.04 -18.47 -17.78
CA SER A 57 6.78 -17.56 -16.65
C SER A 57 8.06 -17.52 -15.81
N GLU A 58 8.24 -16.51 -14.96
CA GLU A 58 9.38 -16.51 -13.99
C GLU A 58 9.30 -17.77 -13.17
N LEU A 59 8.13 -18.05 -12.60
CA LEU A 59 7.94 -19.24 -11.70
C LEU A 59 8.31 -20.52 -12.44
N SER A 60 7.75 -20.76 -13.62
CA SER A 60 8.09 -21.96 -14.41
C SER A 60 9.61 -22.02 -14.67
N ARG A 61 10.27 -20.91 -14.97
CA ARG A 61 11.74 -20.90 -15.21
CA ARG A 61 11.74 -20.91 -15.22
C ARG A 61 12.48 -21.25 -13.92
N PHE A 62 11.96 -20.81 -12.78
CA PHE A 62 12.53 -21.25 -11.48
C PHE A 62 12.35 -22.76 -11.32
N ASN A 63 11.15 -23.23 -11.68
CA ASN A 63 10.78 -24.67 -11.55
C ASN A 63 11.71 -25.50 -12.46
N GLN A 64 12.10 -24.97 -13.61
CA GLN A 64 13.02 -25.67 -14.57
C GLN A 64 14.48 -25.52 -14.13
N HIS A 65 14.82 -24.54 -13.28
CA HIS A 65 16.19 -24.33 -12.74
C HIS A 65 16.58 -25.55 -11.90
N THR A 66 17.75 -26.12 -12.12
CA THR A 66 18.20 -27.38 -11.45
C THR A 66 19.19 -27.08 -10.32
N SER A 67 19.88 -25.95 -10.39
CA SER A 67 20.99 -25.60 -9.47
C SER A 67 20.44 -24.96 -8.19
N SER A 68 21.23 -24.97 -7.12
CA SER A 68 20.95 -24.25 -5.85
C SER A 68 21.42 -22.80 -5.92
N GLU A 69 21.95 -22.30 -7.04
CA GLU A 69 22.34 -20.87 -7.13
CA GLU A 69 22.34 -20.86 -7.14
C GLU A 69 21.07 -20.01 -7.10
N PRO A 70 21.09 -18.88 -6.35
CA PRO A 70 19.98 -17.94 -6.27
C PRO A 70 19.45 -17.59 -7.67
N PHE A 71 18.12 -17.59 -7.81
CA PHE A 71 17.45 -17.32 -9.10
C PHE A 71 16.66 -16.01 -8.95
N ALA A 72 17.05 -14.99 -9.72
CA ALA A 72 16.51 -13.62 -9.61
C ALA A 72 15.05 -13.61 -10.11
N VAL A 73 14.17 -12.97 -9.35
CA VAL A 73 12.73 -12.82 -9.69
C VAL A 73 12.32 -11.36 -9.47
N SER A 74 11.20 -10.99 -10.07
CA SER A 74 10.53 -9.69 -9.82
CA SER A 74 10.48 -9.72 -9.83
C SER A 74 10.19 -9.54 -8.33
N THR A 75 10.08 -8.31 -7.85
CA THR A 75 9.65 -7.99 -6.48
C THR A 75 8.24 -8.58 -6.24
N GLN A 76 7.38 -8.59 -7.25
CA GLN A 76 6.01 -9.16 -7.08
C GLN A 76 6.16 -10.66 -6.73
N THR A 77 6.90 -11.44 -7.52
CA THR A 77 7.05 -12.90 -7.29
C THR A 77 7.62 -13.11 -5.90
N LEU A 78 8.67 -12.38 -5.54
CA LEU A 78 9.33 -12.48 -4.20
C LEU A 78 8.30 -12.23 -3.10
N THR A 79 7.48 -11.18 -3.22
CA THR A 79 6.40 -10.82 -2.23
C THR A 79 5.45 -12.01 -2.04
N VAL A 80 5.03 -12.64 -3.13
CA VAL A 80 4.02 -13.75 -3.06
C VAL A 80 4.68 -14.97 -2.40
N VAL A 81 5.92 -15.27 -2.77
CA VAL A 81 6.63 -16.43 -2.16
C VAL A 81 6.90 -16.13 -0.68
N LYS A 82 7.28 -14.91 -0.37
CA LYS A 82 7.59 -14.55 1.03
C LYS A 82 6.31 -14.78 1.86
N GLU A 83 5.15 -14.35 1.34
CA GLU A 83 3.85 -14.52 2.06
C GLU A 83 3.48 -16.00 2.18
N ALA A 84 3.68 -16.82 1.15
CA ALA A 84 3.44 -18.29 1.23
C ALA A 84 4.28 -18.94 2.33
N ILE A 85 5.54 -18.55 2.51
CA ILE A 85 6.41 -19.06 3.62
C ILE A 85 5.84 -18.63 4.99
N ARG A 86 5.43 -17.37 5.15
CA ARG A 86 4.89 -16.86 6.43
C ARG A 86 3.59 -17.63 6.75
N LEU A 87 2.75 -17.85 5.71
CA LEU A 87 1.48 -18.60 5.91
C LEU A 87 1.75 -20.07 6.21
N ASN A 88 2.82 -20.65 5.66
CA ASN A 88 3.20 -22.05 5.99
C ASN A 88 3.48 -22.13 7.50
N GLY A 89 4.22 -21.16 8.03
CA GLY A 89 4.50 -21.04 9.48
C GLY A 89 3.22 -20.90 10.26
N LEU A 90 2.31 -20.02 9.82
CA LEU A 90 1.06 -19.76 10.59
C LEU A 90 0.16 -21.00 10.59
N THR A 91 0.15 -21.80 9.50
CA THR A 91 -0.79 -22.96 9.37
C THR A 91 -0.08 -24.24 9.76
N GLU A 92 1.08 -24.16 10.42
CA GLU A 92 1.89 -25.30 10.95
C GLU A 92 2.17 -26.31 9.83
N GLY A 93 2.56 -25.89 8.64
CA GLY A 93 2.93 -26.81 7.55
C GLY A 93 1.80 -27.09 6.56
N ALA A 94 0.54 -26.68 6.82
CA ALA A 94 -0.65 -27.06 6.02
C ALA A 94 -0.61 -26.39 4.64
N LEU A 95 -0.27 -25.10 4.57
CA LEU A 95 -0.11 -24.37 3.30
C LEU A 95 1.33 -24.53 2.85
N ASP A 96 1.59 -25.34 1.83
CA ASP A 96 2.99 -25.58 1.39
C ASP A 96 3.03 -25.49 -0.12
N VAL A 97 3.42 -24.32 -0.63
CA VAL A 97 3.47 -24.08 -2.10
C VAL A 97 4.49 -25.00 -2.78
N THR A 98 5.31 -25.79 -2.08
CA THR A 98 6.20 -26.82 -2.72
C THR A 98 5.47 -28.16 -2.99
N VAL A 99 4.14 -28.28 -2.76
CA VAL A 99 3.33 -29.49 -3.11
C VAL A 99 3.04 -29.51 -4.62
N GLY A 100 3.63 -28.61 -5.40
CA GLY A 100 3.45 -28.60 -6.86
C GLY A 100 3.48 -30.00 -7.47
N PRO A 101 4.53 -30.81 -7.21
CA PRO A 101 4.64 -32.14 -7.83
C PRO A 101 3.47 -33.08 -7.47
N LEU A 102 2.88 -32.93 -6.28
CA LEU A 102 1.68 -33.72 -5.85
C LEU A 102 0.39 -33.19 -6.51
N VAL A 103 0.26 -31.86 -6.61
CA VAL A 103 -0.88 -31.22 -7.33
C VAL A 103 -0.90 -31.76 -8.75
N ASN A 104 0.27 -31.79 -9.39
CA ASN A 104 0.42 -32.25 -10.79
C ASN A 104 0.08 -33.75 -10.86
N LEU A 105 0.66 -34.56 -9.97
CA LEU A 105 0.40 -36.03 -9.90
C LEU A 105 -1.11 -36.29 -9.83
N TRP A 106 -1.82 -35.52 -9.01
CA TRP A 106 -3.24 -35.83 -8.73
C TRP A 106 -4.15 -35.24 -9.84
N GLY A 107 -3.60 -34.55 -10.83
CA GLY A 107 -4.37 -34.10 -12.01
C GLY A 107 -4.85 -32.66 -11.92
N PHE A 108 -4.37 -31.86 -10.98
CA PHE A 108 -4.90 -30.47 -10.79
C PHE A 108 -3.92 -29.38 -11.25
N GLY A 109 -2.88 -29.73 -12.01
CA GLY A 109 -1.95 -28.74 -12.57
C GLY A 109 -1.77 -28.88 -14.07
N PRO A 110 -0.69 -28.30 -14.63
CA PRO A 110 -0.47 -28.34 -16.07
C PRO A 110 -0.04 -29.71 -16.62
N GLU A 111 0.45 -30.59 -15.75
CA GLU A 111 0.82 -31.97 -16.14
C GLU A 111 -0.42 -32.75 -16.62
N ALA A 112 -0.36 -33.35 -17.82
CA ALA A 112 -1.34 -34.30 -18.38
C ALA A 112 -1.30 -35.59 -17.57
N ARG A 113 -2.44 -36.02 -17.04
CA ARG A 113 -2.51 -37.24 -16.18
C ARG A 113 -3.57 -38.18 -16.71
N PRO A 114 -3.41 -39.49 -16.51
CA PRO A 114 -4.48 -40.42 -16.82
C PRO A 114 -5.50 -40.42 -15.67
N ASP A 115 -6.62 -41.15 -15.86
CA ASP A 115 -7.64 -41.40 -14.80
C ASP A 115 -7.21 -42.53 -13.86
N VAL A 116 -6.13 -43.23 -14.15
CA VAL A 116 -5.60 -44.30 -13.28
C VAL A 116 -4.97 -43.67 -12.04
N VAL A 117 -5.19 -44.22 -10.86
CA VAL A 117 -4.65 -43.69 -9.59
C VAL A 117 -3.13 -43.91 -9.54
N PRO A 118 -2.33 -42.96 -9.02
CA PRO A 118 -0.91 -43.22 -8.81
C PRO A 118 -0.62 -44.44 -7.92
N THR A 119 0.37 -45.25 -8.30
CA THR A 119 0.93 -46.35 -7.48
C THR A 119 1.47 -45.73 -6.19
N ASP A 120 1.64 -46.53 -5.14
CA ASP A 120 2.29 -46.11 -3.87
C ASP A 120 3.71 -45.61 -4.14
N GLU A 121 4.41 -46.26 -5.05
CA GLU A 121 5.82 -45.90 -5.39
CA GLU A 121 5.81 -45.91 -5.40
C GLU A 121 5.83 -44.57 -6.16
N GLU A 122 4.88 -44.34 -7.07
CA GLU A 122 4.79 -43.05 -7.79
C GLU A 122 4.54 -41.92 -6.77
N LEU A 123 3.55 -42.10 -5.91
CA LEU A 123 3.19 -41.13 -4.86
C LEU A 123 4.42 -40.84 -3.97
N ASN A 124 5.16 -41.83 -3.52
CA ASN A 124 6.30 -41.61 -2.58
C ASN A 124 7.44 -40.85 -3.29
N ALA A 125 7.62 -41.08 -4.58
CA ALA A 125 8.65 -40.37 -5.40
C ALA A 125 8.32 -38.88 -5.50
N ARG A 126 7.04 -38.49 -5.59
CA ARG A 126 6.63 -37.06 -5.67
C ARG A 126 6.72 -36.50 -4.26
N ARG A 127 6.39 -37.29 -3.23
CA ARG A 127 6.40 -36.76 -1.86
C ARG A 127 7.85 -36.39 -1.50
N ALA A 128 8.81 -37.17 -2.00
CA ALA A 128 10.26 -37.01 -1.70
C ALA A 128 10.77 -35.65 -2.22
N ILE A 129 10.14 -35.04 -3.22
CA ILE A 129 10.64 -33.77 -3.83
C ILE A 129 9.74 -32.60 -3.45
N THR A 130 9.11 -32.67 -2.28
CA THR A 130 8.29 -31.60 -1.69
C THR A 130 8.77 -31.32 -0.26
N GLY A 131 8.50 -30.09 0.19
CA GLY A 131 8.87 -29.60 1.53
C GLY A 131 9.33 -28.16 1.46
N ILE A 132 8.66 -27.31 2.25
CA ILE A 132 8.92 -25.85 2.33
C ILE A 132 10.40 -25.63 2.71
N GLU A 133 11.01 -26.57 3.45
CA GLU A 133 12.40 -26.43 3.96
C GLU A 133 13.38 -26.35 2.78
N HIS A 134 13.04 -26.86 1.59
CA HIS A 134 13.93 -26.88 0.41
C HIS A 134 14.05 -25.48 -0.20
N LEU A 135 13.14 -24.56 0.18
CA LEU A 135 12.99 -23.19 -0.43
C LEU A 135 13.45 -22.13 0.57
N THR A 136 14.30 -21.20 0.10
CA THR A 136 14.83 -20.04 0.88
C THR A 136 14.81 -18.83 -0.04
N ILE A 137 14.81 -17.64 0.52
CA ILE A 137 14.79 -16.40 -0.28
C ILE A 137 15.88 -15.45 0.25
N GLU A 138 16.39 -14.59 -0.60
CA GLU A 138 17.41 -13.58 -0.20
C GLU A 138 17.32 -12.43 -1.19
N GLY A 139 16.94 -11.25 -0.70
CA GLY A 139 16.60 -10.11 -1.60
C GLY A 139 15.57 -10.54 -2.61
N ASN A 140 15.70 -10.15 -3.87
CA ASN A 140 14.78 -10.54 -4.97
C ASN A 140 15.26 -11.87 -5.56
N THR A 141 15.60 -12.88 -4.73
CA THR A 141 16.06 -14.19 -5.28
C THR A 141 15.43 -15.36 -4.52
N LEU A 142 15.24 -16.44 -5.27
CA LEU A 142 14.78 -17.72 -4.70
C LEU A 142 15.90 -18.75 -4.84
N SER A 143 15.95 -19.73 -3.96
CA SER A 143 16.92 -20.84 -4.01
C SER A 143 16.21 -22.13 -3.65
N LYS A 144 16.54 -23.18 -4.40
CA LYS A 144 16.05 -24.56 -4.14
C LYS A 144 17.26 -25.45 -3.87
N ASP A 145 17.18 -26.24 -2.81
CA ASP A 145 18.31 -27.11 -2.40
C ASP A 145 18.09 -28.50 -3.01
N ILE A 146 17.06 -28.73 -3.83
CA ILE A 146 16.95 -29.98 -4.65
C ILE A 146 16.52 -29.57 -6.03
N PRO A 147 17.15 -30.10 -7.11
CA PRO A 147 16.86 -29.64 -8.46
C PRO A 147 15.37 -29.77 -8.87
N GLU A 148 14.59 -30.68 -8.26
CA GLU A 148 13.27 -31.09 -8.79
C GLU A 148 12.12 -30.35 -8.08
N LEU A 149 12.45 -29.45 -7.16
CA LEU A 149 11.45 -28.63 -6.43
C LEU A 149 10.60 -27.89 -7.46
N TYR A 150 9.28 -27.92 -7.27
CA TYR A 150 8.29 -27.30 -8.18
C TYR A 150 7.37 -26.46 -7.31
N VAL A 151 7.47 -25.14 -7.39
CA VAL A 151 6.62 -24.23 -6.58
C VAL A 151 5.35 -23.91 -7.36
N ASP A 152 4.22 -24.01 -6.67
CA ASP A 152 2.86 -23.78 -7.23
C ASP A 152 2.26 -22.64 -6.42
N LEU A 153 1.96 -21.51 -7.06
CA LEU A 153 1.39 -20.32 -6.39
C LEU A 153 -0.11 -20.16 -6.69
N SER A 154 -0.75 -21.21 -7.22
CA SER A 154 -2.18 -21.22 -7.62
C SER A 154 -3.08 -20.82 -6.43
N THR A 155 -2.65 -21.10 -5.19
CA THR A 155 -3.47 -20.87 -3.97
C THR A 155 -3.37 -19.41 -3.50
N ILE A 156 -2.55 -18.57 -4.12
CA ILE A 156 -2.26 -17.24 -3.53
C ILE A 156 -2.04 -16.17 -4.61
N ALA A 157 -1.60 -16.51 -5.83
CA ALA A 157 -1.27 -15.47 -6.85
C ALA A 157 -2.58 -14.91 -7.43
N LYS A 158 -3.70 -15.65 -7.28
CA LYS A 158 -5.07 -15.13 -7.58
C LYS A 158 -5.36 -13.94 -6.65
N GLY A 159 -5.33 -14.13 -5.32
CA GLY A 159 -5.51 -13.02 -4.37
C GLY A 159 -4.52 -11.88 -4.62
N TRP A 160 -3.29 -12.20 -5.02
CA TRP A 160 -2.27 -11.18 -5.36
C TRP A 160 -2.78 -10.32 -6.53
N GLY A 161 -3.34 -10.95 -7.55
CA GLY A 161 -3.83 -10.23 -8.73
C GLY A 161 -4.93 -9.26 -8.33
N VAL A 162 -5.78 -9.71 -7.41
CA VAL A 162 -6.90 -8.84 -6.92
C VAL A 162 -6.27 -7.63 -6.24
N ASP A 163 -5.27 -7.84 -5.38
CA ASP A 163 -4.58 -6.73 -4.63
C ASP A 163 -3.92 -5.76 -5.61
N VAL A 164 -3.25 -6.28 -6.63
CA VAL A 164 -2.60 -5.45 -7.69
C VAL A 164 -3.67 -4.57 -8.36
N VAL A 165 -4.81 -5.15 -8.75
CA VAL A 165 -5.87 -4.35 -9.43
C VAL A 165 -6.44 -3.32 -8.43
N ALA A 166 -6.63 -3.66 -7.16
CA ALA A 166 -7.25 -2.77 -6.15
C ALA A 166 -6.33 -1.57 -5.86
N ASP A 167 -5.03 -1.84 -5.70
CA ASP A 167 -3.99 -0.78 -5.58
C ASP A 167 -4.01 0.11 -6.81
N TYR A 168 -4.14 -0.43 -8.02
CA TYR A 168 -4.20 0.37 -9.28
C TYR A 168 -5.48 1.24 -9.27
N LEU A 169 -6.66 0.73 -8.86
CA LEU A 169 -7.88 1.60 -8.83
C LEU A 169 -7.66 2.71 -7.81
N GLN A 170 -7.17 2.39 -6.61
CA GLN A 170 -6.83 3.43 -5.60
C GLN A 170 -5.92 4.49 -6.24
N SER A 171 -4.91 4.05 -6.99
CA SER A 171 -3.89 4.92 -7.64
C SER A 171 -4.54 5.82 -8.72
N GLN A 172 -5.73 5.48 -9.20
CA GLN A 172 -6.48 6.24 -10.21
C GLN A 172 -7.60 7.06 -9.55
N GLY A 173 -7.69 7.09 -8.22
CA GLY A 173 -8.67 7.92 -7.49
C GLY A 173 -10.05 7.28 -7.37
N ILE A 174 -10.14 5.96 -7.51
CA ILE A 174 -11.43 5.20 -7.38
C ILE A 174 -11.50 4.61 -5.97
N GLU A 175 -12.38 5.14 -5.12
CA GLU A 175 -12.52 4.79 -3.68
C GLU A 175 -13.68 3.82 -3.44
N ASN A 176 -14.40 3.43 -4.51
CA ASN A 176 -15.63 2.61 -4.43
C ASN A 176 -15.54 1.53 -5.50
N TYR A 177 -15.18 0.31 -5.11
CA TYR A 177 -14.90 -0.77 -6.08
C TYR A 177 -15.20 -2.14 -5.45
N MET A 178 -15.48 -3.09 -6.34
CA MET A 178 -15.35 -4.54 -6.08
C MET A 178 -14.45 -5.14 -7.15
N VAL A 179 -13.35 -5.77 -6.72
CA VAL A 179 -12.46 -6.53 -7.64
C VAL A 179 -12.64 -8.02 -7.36
N GLU A 180 -13.02 -8.78 -8.40
CA GLU A 180 -13.20 -10.25 -8.27
C GLU A 180 -12.44 -10.96 -9.38
N ILE A 181 -11.60 -11.91 -9.01
CA ILE A 181 -10.90 -12.82 -9.94
C ILE A 181 -11.12 -14.26 -9.44
N GLY A 182 -11.80 -15.07 -10.26
CA GLY A 182 -12.11 -16.48 -9.96
C GLY A 182 -12.70 -16.66 -8.56
N GLY A 183 -13.52 -15.70 -8.10
CA GLY A 183 -14.24 -15.77 -6.82
C GLY A 183 -13.46 -15.20 -5.66
N GLU A 184 -12.16 -14.87 -5.83
CA GLU A 184 -11.37 -14.08 -4.85
C GLU A 184 -11.81 -12.58 -4.98
N ILE A 185 -12.15 -11.92 -3.88
CA ILE A 185 -12.81 -10.59 -3.91
C ILE A 185 -12.07 -9.58 -3.01
N ARG A 186 -11.97 -8.33 -3.48
CA ARG A 186 -11.58 -7.20 -2.63
C ARG A 186 -12.59 -6.05 -2.84
N LEU A 187 -13.01 -5.44 -1.75
CA LEU A 187 -14.05 -4.38 -1.67
C LEU A 187 -13.49 -3.09 -1.06
N LYS A 188 -13.95 -1.94 -1.55
CA LYS A 188 -13.77 -0.66 -0.83
C LYS A 188 -15.03 0.19 -1.05
N GLY A 189 -15.51 0.82 0.02
CA GLY A 189 -16.49 1.90 -0.09
C GLY A 189 -17.87 1.34 -0.33
N LEU A 190 -18.61 1.96 -1.25
CA LEU A 190 -20.07 1.82 -1.35
C LEU A 190 -20.44 1.48 -2.78
N ASN A 191 -21.54 0.75 -2.96
CA ASN A 191 -22.01 0.29 -4.29
C ASN A 191 -22.91 1.36 -4.95
N ARG A 192 -23.60 0.96 -6.01
CA ARG A 192 -24.50 1.83 -6.83
CA ARG A 192 -24.50 1.84 -6.82
C ARG A 192 -25.56 2.50 -5.93
N ASP A 193 -25.98 1.82 -4.86
CA ASP A 193 -27.11 2.24 -3.99
C ASP A 193 -26.61 2.98 -2.78
N GLY A 194 -25.30 3.28 -2.72
CA GLY A 194 -24.69 3.99 -1.58
C GLY A 194 -24.63 3.15 -0.33
N VAL A 195 -24.75 1.82 -0.45
CA VAL A 195 -24.59 0.86 0.69
C VAL A 195 -23.29 0.08 0.50
N PRO A 196 -22.78 -0.55 1.59
CA PRO A 196 -21.56 -1.35 1.53
C PRO A 196 -21.73 -2.53 0.56
N TRP A 197 -20.74 -2.81 -0.29
CA TRP A 197 -20.79 -3.90 -1.31
C TRP A 197 -21.27 -5.22 -0.67
N ARG A 198 -22.14 -5.94 -1.38
CA ARG A 198 -22.85 -7.11 -0.82
C ARG A 198 -22.26 -8.40 -1.37
N ILE A 199 -21.95 -9.36 -0.50
CA ILE A 199 -21.36 -10.67 -0.84
C ILE A 199 -22.31 -11.75 -0.30
N ALA A 200 -22.48 -12.85 -1.01
CA ALA A 200 -23.31 -13.98 -0.55
C ALA A 200 -22.39 -15.10 -0.01
N ILE A 201 -22.67 -15.62 1.20
CA ILE A 201 -22.15 -16.91 1.72
C ILE A 201 -23.15 -18.01 1.34
N GLU A 202 -22.72 -19.01 0.59
CA GLU A 202 -23.61 -20.12 0.20
C GLU A 202 -23.49 -21.21 1.26
N LYS A 203 -24.63 -21.77 1.68
CA LYS A 203 -24.74 -22.88 2.66
C LYS A 203 -25.56 -24.01 2.04
N PRO A 204 -25.22 -25.28 2.36
CA PRO A 204 -26.14 -26.39 2.16
C PRO A 204 -27.44 -26.21 2.96
N SER A 210 -29.23 -25.16 -2.25
CA SER A 210 -28.45 -23.91 -1.96
C SER A 210 -29.25 -22.96 -1.07
N VAL A 211 -28.57 -22.33 -0.10
CA VAL A 211 -29.11 -21.32 0.87
C VAL A 211 -28.10 -20.17 0.93
N GLN A 212 -28.53 -18.91 0.81
CA GLN A 212 -27.59 -17.78 0.61
C GLN A 212 -27.83 -16.71 1.68
N GLU A 213 -26.78 -16.43 2.46
CA GLU A 213 -26.75 -15.28 3.40
C GLU A 213 -25.88 -14.17 2.82
N ILE A 214 -26.42 -12.97 2.77
CA ILE A 214 -25.71 -11.76 2.23
C ILE A 214 -25.04 -11.03 3.40
N ILE A 215 -23.72 -10.78 3.30
CA ILE A 215 -22.96 -9.97 4.29
C ILE A 215 -22.33 -8.75 3.59
N GLU A 216 -21.84 -7.83 4.42
CA GLU A 216 -21.21 -6.54 4.07
C GLU A 216 -19.83 -6.51 4.72
N PRO A 217 -18.77 -7.04 4.09
CA PRO A 217 -17.47 -7.06 4.74
C PRO A 217 -16.88 -5.67 5.03
N GLY A 218 -17.37 -4.60 4.39
CA GLY A 218 -16.76 -3.26 4.49
C GLY A 218 -15.50 -3.18 3.63
N ASP A 219 -14.41 -2.61 4.14
CA ASP A 219 -13.15 -2.46 3.36
C ASP A 219 -12.27 -3.66 3.70
N TYR A 220 -12.30 -4.67 2.86
CA TYR A 220 -11.82 -6.03 3.22
C TYR A 220 -11.75 -6.88 1.95
N ALA A 221 -10.86 -7.88 1.96
CA ALA A 221 -10.80 -8.96 0.96
C ALA A 221 -11.45 -10.19 1.57
N ILE A 222 -12.03 -11.03 0.71
CA ILE A 222 -12.74 -12.29 1.06
C ILE A 222 -12.27 -13.36 0.06
N ALA A 223 -11.83 -14.52 0.57
CA ALA A 223 -11.50 -15.74 -0.21
C ALA A 223 -12.24 -16.94 0.38
N THR A 224 -12.66 -17.86 -0.49
CA THR A 224 -13.36 -19.10 -0.13
C THR A 224 -12.62 -20.27 -0.82
N SER A 225 -12.32 -21.31 -0.05
CA SER A 225 -11.92 -22.65 -0.54
C SER A 225 -13.07 -23.65 -0.39
N GLY A 226 -13.26 -24.50 -1.42
CA GLY A 226 -14.46 -25.35 -1.62
C GLY A 226 -15.75 -24.57 -1.88
N ASP A 227 -16.88 -25.28 -2.10
CA ASP A 227 -18.23 -24.65 -2.09
CA ASP A 227 -18.23 -24.65 -2.11
C ASP A 227 -19.27 -25.65 -1.58
N TYR A 228 -20.51 -25.18 -1.43
CA TYR A 228 -21.66 -25.86 -0.79
C TYR A 228 -21.96 -27.21 -1.47
N ARG A 229 -21.59 -27.38 -2.74
CA ARG A 229 -22.12 -28.49 -3.59
C ARG A 229 -21.46 -29.82 -3.23
N ASN A 230 -20.21 -29.78 -2.74
CA ASN A 230 -19.41 -30.97 -2.34
C ASN A 230 -20.12 -31.70 -1.18
N TYR A 231 -20.98 -31.00 -0.44
CA TYR A 231 -21.85 -31.55 0.64
C TYR A 231 -22.79 -32.64 0.07
N PHE A 232 -23.21 -32.57 -1.19
CA PHE A 232 -24.24 -33.49 -1.76
C PHE A 232 -23.59 -34.76 -2.35
N GLU A 233 -22.26 -34.87 -2.36
CA GLU A 233 -21.52 -35.98 -3.02
C GLU A 233 -21.56 -37.25 -2.17
N GLN A 234 -21.74 -38.43 -2.79
CA GLN A 234 -21.67 -39.76 -2.12
C GLN A 234 -20.49 -39.80 -1.15
N ASP A 235 -20.50 -40.71 -0.18
CA ASP A 235 -19.27 -41.10 0.55
C ASP A 235 -18.31 -41.78 -0.46
N GLY A 236 -17.07 -42.07 -0.06
CA GLY A 236 -15.97 -42.51 -0.97
C GLY A 236 -14.74 -41.64 -0.77
N VAL A 237 -13.68 -41.88 -1.54
CA VAL A 237 -12.43 -41.08 -1.47
C VAL A 237 -12.78 -39.68 -1.98
N ARG A 238 -12.58 -38.64 -1.17
CA ARG A 238 -13.02 -37.27 -1.53
C ARG A 238 -12.22 -36.74 -2.73
N TYR A 239 -12.92 -36.20 -3.75
CA TYR A 239 -12.34 -35.54 -4.95
C TYR A 239 -11.97 -34.07 -4.62
N SER A 240 -10.68 -33.74 -4.72
CA SER A 240 -10.09 -32.43 -4.31
C SER A 240 -8.73 -32.20 -4.97
N GLY A 241 -8.51 -30.94 -5.38
CA GLY A 241 -7.23 -30.36 -5.82
C GLY A 241 -6.43 -29.77 -4.66
N ILE A 242 -6.96 -29.78 -3.43
CA ILE A 242 -6.26 -29.36 -2.19
C ILE A 242 -5.59 -30.60 -1.61
N ILE A 243 -4.28 -30.54 -1.46
CA ILE A 243 -3.42 -31.67 -1.01
C ILE A 243 -3.09 -31.44 0.46
N ASP A 244 -3.19 -32.50 1.27
CA ASP A 244 -2.60 -32.53 2.63
C ASP A 244 -1.10 -32.82 2.50
N PRO A 245 -0.20 -31.85 2.83
CA PRO A 245 1.24 -32.10 2.69
C PRO A 245 1.77 -33.27 3.55
N THR A 246 1.10 -33.63 4.65
CA THR A 246 1.59 -34.71 5.56
C THR A 246 1.33 -36.09 4.92
N THR A 247 0.26 -36.27 4.15
CA THR A 247 -0.07 -37.55 3.46
C THR A 247 0.30 -37.55 1.97
N GLY A 248 0.42 -36.37 1.34
CA GLY A 248 0.67 -36.29 -0.11
C GLY A 248 -0.58 -36.58 -0.95
N ARG A 249 -1.75 -36.62 -0.31
CA ARG A 249 -3.04 -36.97 -0.93
C ARG A 249 -4.00 -35.81 -0.81
N PRO A 250 -5.00 -35.73 -1.71
CA PRO A 250 -6.13 -34.82 -1.57
C PRO A 250 -6.70 -34.89 -0.15
N ILE A 251 -7.10 -33.75 0.43
CA ILE A 251 -7.65 -33.73 1.81
C ILE A 251 -8.87 -34.67 1.87
N ASN A 252 -9.11 -35.26 3.02
CA ASN A 252 -10.22 -36.23 3.22
C ASN A 252 -10.96 -35.90 4.50
N ASN A 253 -10.88 -34.66 5.02
CA ASN A 253 -11.66 -34.24 6.21
C ASN A 253 -13.10 -33.93 5.79
N ARG A 254 -13.93 -33.46 6.74
CA ARG A 254 -15.35 -33.19 6.46
C ARG A 254 -15.58 -31.68 6.32
N VAL A 255 -14.53 -30.89 6.12
CA VAL A 255 -14.68 -29.41 5.85
C VAL A 255 -15.19 -29.23 4.41
N VAL A 256 -16.34 -28.59 4.27
CA VAL A 256 -17.04 -28.29 2.98
C VAL A 256 -16.42 -27.01 2.36
N SER A 257 -16.35 -25.93 3.13
CA SER A 257 -15.86 -24.62 2.63
C SER A 257 -15.20 -23.86 3.78
N VAL A 258 -14.23 -23.02 3.45
CA VAL A 258 -13.60 -22.09 4.42
C VAL A 258 -13.65 -20.70 3.77
N THR A 259 -14.25 -19.73 4.47
CA THR A 259 -14.24 -18.32 4.04
C THR A 259 -13.35 -17.51 4.99
N VAL A 260 -12.45 -16.68 4.45
CA VAL A 260 -11.56 -15.82 5.26
C VAL A 260 -11.69 -14.39 4.81
N LEU A 261 -11.70 -13.48 5.76
CA LEU A 261 -11.57 -12.01 5.55
C LEU A 261 -10.17 -11.61 6.00
N ASP A 262 -9.57 -10.74 5.21
CA ASP A 262 -8.28 -10.10 5.54
C ASP A 262 -8.12 -8.86 4.68
N LYS A 263 -7.33 -7.87 5.11
CA LYS A 263 -7.16 -6.59 4.37
C LYS A 263 -6.51 -6.89 3.02
N SER A 264 -5.68 -7.94 2.95
CA SER A 264 -5.04 -8.40 1.70
C SER A 264 -5.82 -9.59 1.14
N CYS A 265 -6.11 -9.60 -0.16
CA CYS A 265 -6.74 -10.75 -0.85
C CYS A 265 -5.70 -11.88 -1.03
N MET A 266 -4.45 -11.54 -1.36
CA MET A 266 -3.38 -12.58 -1.36
C MET A 266 -3.46 -13.37 -0.04
N THR A 267 -3.48 -12.68 1.09
CA THR A 267 -3.44 -13.33 2.43
C THR A 267 -4.71 -14.15 2.68
N ALA A 268 -5.89 -13.61 2.39
CA ALA A 268 -7.17 -14.33 2.56
C ALA A 268 -7.12 -15.65 1.76
N ASP A 269 -6.60 -15.59 0.53
CA ASP A 269 -6.64 -16.72 -0.44
C ASP A 269 -5.76 -17.85 0.09
N GLY A 270 -4.57 -17.50 0.56
CA GLY A 270 -3.66 -18.46 1.19
C GLY A 270 -4.24 -19.01 2.47
N LEU A 271 -4.75 -18.15 3.37
CA LEU A 271 -5.30 -18.63 4.67
C LEU A 271 -6.48 -19.58 4.42
N ALA A 272 -7.36 -19.31 3.45
CA ALA A 272 -8.63 -20.08 3.34
C ALA A 272 -8.25 -21.51 3.02
N THR A 273 -7.31 -21.72 2.12
CA THR A 273 -6.82 -23.06 1.69
C THR A 273 -6.06 -23.73 2.85
N GLY A 274 -5.17 -22.98 3.52
CA GLY A 274 -4.39 -23.48 4.67
C GLY A 274 -5.27 -23.96 5.79
N LEU A 275 -6.19 -23.14 6.26
CA LEU A 275 -7.08 -23.54 7.39
C LEU A 275 -7.95 -24.72 6.98
N MET A 276 -8.42 -24.78 5.74
CA MET A 276 -9.17 -25.95 5.26
C MET A 276 -8.33 -27.22 5.41
N VAL A 277 -7.05 -27.18 5.06
CA VAL A 277 -6.14 -28.35 5.24
C VAL A 277 -5.97 -28.68 6.73
N MET A 278 -5.79 -27.69 7.61
CA MET A 278 -5.67 -27.96 9.06
C MET A 278 -6.92 -28.68 9.60
N GLY A 279 -8.10 -28.41 9.05
CA GLY A 279 -9.38 -28.97 9.58
C GLY A 279 -9.96 -28.08 10.66
N GLU A 280 -11.17 -28.34 11.15
CA GLU A 280 -11.89 -27.30 11.94
C GLU A 280 -11.27 -27.14 13.34
N GLU A 281 -10.82 -28.21 13.99
CA GLU A 281 -10.36 -28.10 15.39
C GLU A 281 -9.09 -27.21 15.41
N ARG A 282 -8.08 -27.54 14.60
CA ARG A 282 -6.78 -26.83 14.64
C ARG A 282 -6.90 -25.52 13.89
N GLY A 283 -7.64 -25.51 12.78
CA GLY A 283 -7.87 -24.30 11.97
C GLY A 283 -8.59 -23.23 12.75
N MET A 284 -9.61 -23.59 13.54
CA MET A 284 -10.38 -22.58 14.30
C MET A 284 -9.52 -22.07 15.47
N ALA A 285 -8.63 -22.88 16.05
CA ALA A 285 -7.69 -22.45 17.11
C ALA A 285 -6.70 -21.40 16.58
N VAL A 286 -6.18 -21.58 15.37
CA VAL A 286 -5.27 -20.60 14.69
C VAL A 286 -6.06 -19.33 14.46
N ALA A 287 -7.30 -19.44 13.98
CA ALA A 287 -8.13 -18.24 13.71
C ALA A 287 -8.36 -17.47 15.02
N GLU A 288 -8.60 -18.18 16.11
CA GLU A 288 -8.90 -17.53 17.43
C GLU A 288 -7.61 -16.87 17.94
N ALA A 289 -6.46 -17.55 17.81
CA ALA A 289 -5.13 -17.10 18.32
C ALA A 289 -4.65 -15.88 17.55
N ASN A 290 -5.09 -15.68 16.31
CA ASN A 290 -4.51 -14.64 15.41
C ASN A 290 -5.59 -13.65 14.98
N GLN A 291 -6.76 -13.65 15.64
CA GLN A 291 -7.94 -12.80 15.33
C GLN A 291 -8.24 -12.82 13.83
N ILE A 292 -8.31 -14.00 13.23
CA ILE A 292 -8.71 -14.17 11.79
C ILE A 292 -10.22 -14.34 11.71
N PRO A 293 -10.92 -13.53 10.90
CA PRO A 293 -12.34 -13.75 10.59
C PRO A 293 -12.45 -14.92 9.61
N VAL A 294 -13.00 -16.03 10.10
CA VAL A 294 -13.16 -17.31 9.35
C VAL A 294 -14.56 -17.86 9.58
N LEU A 295 -15.19 -18.34 8.51
CA LEU A 295 -16.42 -19.16 8.58
C LEU A 295 -16.07 -20.50 7.94
N MET A 296 -16.17 -21.58 8.71
CA MET A 296 -16.04 -22.99 8.20
C MET A 296 -17.41 -23.68 8.17
N ILE A 297 -17.71 -24.30 7.04
CA ILE A 297 -18.85 -25.27 6.93
C ILE A 297 -18.24 -26.66 6.98
N VAL A 298 -18.78 -27.49 7.86
CA VAL A 298 -18.34 -28.87 8.12
C VAL A 298 -19.54 -29.79 7.94
N LYS A 299 -19.31 -30.92 7.31
CA LYS A 299 -20.32 -31.99 7.13
C LYS A 299 -20.34 -32.89 8.38
N THR A 300 -21.53 -33.15 8.93
CA THR A 300 -21.78 -34.11 10.05
C THR A 300 -22.77 -35.17 9.55
N ASP A 301 -23.12 -36.14 10.39
CA ASP A 301 -24.03 -37.25 10.00
C ASP A 301 -25.45 -36.71 9.86
N ASP A 302 -25.78 -35.65 10.62
CA ASP A 302 -27.17 -35.14 10.74
C ASP A 302 -27.32 -33.89 9.88
N GLY A 303 -26.26 -33.45 9.20
CA GLY A 303 -26.38 -32.32 8.27
C GLY A 303 -25.06 -31.58 8.10
N PHE A 304 -25.04 -30.29 8.42
CA PHE A 304 -23.82 -29.46 8.40
C PHE A 304 -23.78 -28.59 9.67
N LYS A 305 -22.58 -28.22 10.09
CA LYS A 305 -22.32 -27.22 11.15
C LYS A 305 -21.59 -26.03 10.54
N GLU A 306 -21.92 -24.82 10.99
CA GLU A 306 -21.12 -23.60 10.76
C GLU A 306 -20.28 -23.34 12.01
N TYR A 307 -18.99 -23.09 11.85
CA TYR A 307 -18.08 -22.54 12.86
C TYR A 307 -17.63 -21.15 12.40
N ALA A 308 -18.04 -20.13 13.15
CA ALA A 308 -17.64 -18.73 12.93
C ALA A 308 -16.65 -18.34 14.04
N SER A 309 -15.49 -17.82 13.64
CA SER A 309 -14.49 -17.25 14.57
C SER A 309 -15.08 -15.98 15.20
N SER A 310 -14.61 -15.67 16.41
CA SER A 310 -14.94 -14.45 17.19
C SER A 310 -14.99 -13.23 16.29
N SER A 311 -13.99 -13.09 15.43
CA SER A 311 -13.82 -11.89 14.58
C SER A 311 -14.68 -11.99 13.28
N PHE A 312 -15.25 -13.16 12.96
CA PHE A 312 -16.22 -13.28 11.83
C PHE A 312 -17.65 -12.92 12.29
N LYS A 313 -18.03 -13.31 13.51
CA LYS A 313 -19.41 -13.21 14.06
C LYS A 313 -20.07 -11.86 13.82
N PRO A 314 -19.38 -10.71 14.00
CA PRO A 314 -20.00 -9.41 13.75
C PRO A 314 -20.60 -9.25 12.34
N PHE A 315 -20.05 -9.94 11.31
CA PHE A 315 -20.56 -9.85 9.91
C PHE A 315 -21.86 -10.64 9.74
N LEU A 316 -22.18 -11.54 10.67
CA LEU A 316 -23.48 -12.25 10.80
C LEU A 316 -24.34 -11.52 11.83
N ALA B 5 27.91 -3.59 4.52
CA ALA B 5 27.05 -3.92 3.34
C ALA B 5 27.31 -2.89 2.24
N GLU B 6 26.83 -3.10 1.02
CA GLU B 6 27.07 -2.16 -0.12
C GLU B 6 26.01 -1.05 -0.11
N GLN B 7 26.40 0.16 0.27
CA GLN B 7 25.50 1.34 0.24
C GLN B 7 25.61 2.04 -1.11
N VAL B 8 24.48 2.30 -1.75
CA VAL B 8 24.36 3.11 -3.01
C VAL B 8 23.85 4.50 -2.61
N HIS B 9 24.45 5.57 -3.15
CA HIS B 9 24.03 6.97 -2.86
C HIS B 9 23.65 7.61 -4.18
N LEU B 10 22.40 8.04 -4.34
CA LEU B 10 21.93 8.75 -5.55
C LEU B 10 21.62 10.18 -5.14
N SER B 11 21.92 11.12 -6.04
CA SER B 11 21.65 12.55 -5.77
C SER B 11 21.21 13.26 -7.04
N GLY B 12 20.47 14.34 -6.87
CA GLY B 12 20.05 15.13 -8.02
C GLY B 12 19.22 16.33 -7.62
N PRO B 13 18.95 17.25 -8.57
CA PRO B 13 18.18 18.43 -8.28
C PRO B 13 16.67 18.19 -8.48
N THR B 14 15.85 18.77 -7.61
CA THR B 14 14.38 18.79 -7.72
C THR B 14 13.85 19.90 -6.82
N MET B 15 12.76 20.52 -7.24
CA MET B 15 11.97 21.45 -6.38
C MET B 15 12.87 22.59 -5.86
N GLY B 16 13.86 23.04 -6.66
CA GLY B 16 14.80 24.12 -6.29
C GLY B 16 15.79 23.74 -5.18
N THR B 17 15.88 22.45 -4.87
CA THR B 17 16.79 21.91 -3.83
C THR B 17 17.41 20.62 -4.41
N THR B 18 17.80 19.68 -3.57
CA THR B 18 18.44 18.41 -4.01
C THR B 18 17.84 17.22 -3.22
N TYR B 19 17.86 16.05 -3.84
CA TYR B 19 17.47 14.79 -3.18
C TYR B 19 18.77 14.04 -2.90
N ASN B 20 18.76 13.32 -1.80
CA ASN B 20 19.82 12.35 -1.46
C ASN B 20 19.12 11.05 -1.08
N ILE B 21 19.40 10.00 -1.84
CA ILE B 21 18.88 8.66 -1.49
C ILE B 21 20.05 7.72 -1.23
N LYS B 22 20.01 7.08 -0.08
CA LYS B 22 20.92 5.99 0.31
C LYS B 22 20.07 4.71 0.45
N TYR B 23 20.55 3.60 -0.10
CA TYR B 23 19.93 2.27 0.13
C TYR B 23 21.03 1.21 0.15
N ILE B 24 20.71 0.08 0.76
CA ILE B 24 21.58 -1.13 0.87
C ILE B 24 21.19 -2.07 -0.28
N GLN B 25 22.14 -2.26 -1.17
CA GLN B 25 22.06 -3.28 -2.25
C GLN B 25 21.70 -4.65 -1.66
N GLN B 26 20.91 -5.43 -2.41
CA GLN B 26 20.51 -6.80 -2.03
C GLN B 26 20.58 -7.59 -3.31
N PRO B 27 20.70 -8.93 -3.27
CA PRO B 27 20.66 -9.73 -4.50
C PRO B 27 19.37 -9.53 -5.30
N GLY B 28 19.47 -9.43 -6.62
CA GLY B 28 18.35 -9.43 -7.58
C GLY B 28 17.67 -8.09 -7.70
N ILE B 29 18.13 -7.06 -6.99
CA ILE B 29 17.64 -5.64 -7.10
C ILE B 29 18.05 -5.05 -8.45
N ALA B 30 17.25 -4.17 -9.01
CA ALA B 30 17.56 -3.47 -10.28
C ALA B 30 18.88 -2.68 -10.16
N ASP B 31 19.50 -2.42 -11.31
CA ASP B 31 20.65 -1.51 -11.50
C ASP B 31 20.28 -0.14 -10.90
N SER B 32 21.20 0.49 -10.14
CA SER B 32 21.07 1.88 -9.64
C SER B 32 20.68 2.85 -10.78
N LYS B 33 21.12 2.62 -12.02
CA LYS B 33 20.77 3.52 -13.17
C LYS B 33 19.26 3.38 -13.48
N THR B 34 18.73 2.18 -13.49
CA THR B 34 17.29 1.92 -13.63
C THR B 34 16.57 2.67 -12.51
N LEU B 35 16.94 2.41 -11.26
CA LEU B 35 16.25 3.06 -10.11
C LEU B 35 16.30 4.59 -10.27
N GLN B 36 17.45 5.15 -10.64
CA GLN B 36 17.59 6.63 -10.64
C GLN B 36 16.77 7.22 -11.80
N THR B 37 16.77 6.58 -12.97
CA THR B 37 15.90 7.02 -14.09
C THR B 37 14.44 7.15 -13.59
N GLU B 38 13.91 6.12 -12.95
CA GLU B 38 12.49 6.12 -12.46
C GLU B 38 12.29 7.14 -11.33
N ILE B 39 13.21 7.25 -10.37
CA ILE B 39 13.13 8.31 -9.31
C ILE B 39 13.13 9.72 -9.92
N ASP B 40 14.03 10.00 -10.85
CA ASP B 40 14.05 11.28 -11.59
C ASP B 40 12.70 11.54 -12.27
N ARG B 41 12.14 10.53 -12.91
CA ARG B 41 10.85 10.66 -13.63
C ARG B 41 9.70 10.90 -12.61
N LEU B 42 9.70 10.18 -11.51
CA LEU B 42 8.66 10.38 -10.46
C LEU B 42 8.78 11.80 -9.86
N LEU B 43 9.97 12.34 -9.71
CA LEU B 43 10.11 13.67 -9.07
C LEU B 43 9.81 14.76 -10.10
N GLU B 44 10.12 14.54 -11.38
CA GLU B 44 9.70 15.46 -12.47
C GLU B 44 8.16 15.53 -12.52
N GLU B 45 7.47 14.39 -12.34
CA GLU B 45 6.00 14.29 -12.31
C GLU B 45 5.46 15.08 -11.10
N VAL B 46 6.04 14.90 -9.90
CA VAL B 46 5.64 15.74 -8.73
C VAL B 46 5.73 17.25 -9.10
N ASN B 47 6.83 17.70 -9.72
CA ASN B 47 7.02 19.12 -10.13
C ASN B 47 6.00 19.49 -11.22
N ASP B 48 5.77 18.62 -12.21
CA ASP B 48 4.82 18.91 -13.30
C ASP B 48 3.38 18.88 -12.75
N GLN B 49 3.13 18.27 -11.59
CA GLN B 49 1.78 18.30 -10.98
C GLN B 49 1.63 19.51 -10.03
N MET B 50 2.67 19.84 -9.26
CA MET B 50 2.43 20.61 -8.01
C MET B 50 3.46 21.73 -7.81
N SER B 51 4.32 22.04 -8.79
CA SER B 51 5.29 23.15 -8.63
C SER B 51 4.52 24.46 -8.88
N THR B 52 4.54 25.41 -7.93
CA THR B 52 4.13 26.81 -8.21
C THR B 52 5.10 27.51 -9.17
N TYR B 53 6.33 27.03 -9.36
CA TYR B 53 7.35 27.76 -10.17
C TYR B 53 7.22 27.34 -11.63
N ARG B 54 6.50 26.26 -11.93
CA ARG B 54 6.33 25.87 -13.36
C ARG B 54 4.97 26.38 -13.82
N LYS B 55 4.97 27.34 -14.75
CA LYS B 55 3.78 27.98 -15.36
C LYS B 55 2.77 26.94 -15.85
N ASP B 56 3.24 25.77 -16.29
CA ASP B 56 2.37 24.76 -16.95
C ASP B 56 2.10 23.53 -16.05
N SER B 57 2.39 23.58 -14.75
CA SER B 57 2.03 22.51 -13.78
C SER B 57 0.49 22.43 -13.62
N GLU B 58 -0.04 21.26 -13.25
CA GLU B 58 -1.50 21.11 -12.92
C GLU B 58 -1.87 22.20 -11.91
N LEU B 59 -1.07 22.34 -10.83
CA LEU B 59 -1.35 23.34 -9.75
C LEU B 59 -1.36 24.77 -10.35
N SER B 60 -0.34 25.13 -11.13
CA SER B 60 -0.21 26.48 -11.76
C SER B 60 -1.40 26.75 -12.70
N ARG B 61 -1.84 25.77 -13.50
CA ARG B 61 -3.02 25.90 -14.41
C ARG B 61 -4.29 26.03 -13.56
N PHE B 62 -4.37 25.37 -12.40
CA PHE B 62 -5.50 25.58 -11.46
C PHE B 62 -5.47 27.03 -10.94
N ASN B 63 -4.29 27.57 -10.62
CA ASN B 63 -4.17 28.96 -10.10
C ASN B 63 -4.61 29.93 -11.19
N GLN B 64 -4.44 29.55 -12.45
CA GLN B 64 -4.76 30.38 -13.65
C GLN B 64 -6.26 30.26 -13.99
N HIS B 65 -6.87 29.08 -13.82
CA HIS B 65 -8.34 28.84 -13.87
C HIS B 65 -9.07 29.96 -13.11
N THR B 66 -10.08 30.59 -13.71
CA THR B 66 -10.84 31.72 -13.07
C THR B 66 -12.26 31.28 -12.70
N SER B 67 -12.80 30.32 -13.45
CA SER B 67 -14.16 29.74 -13.26
C SER B 67 -14.24 28.95 -11.95
N SER B 68 -15.45 28.76 -11.40
CA SER B 68 -15.73 27.85 -10.26
C SER B 68 -16.05 26.43 -10.76
N GLU B 69 -16.10 26.23 -12.08
CA GLU B 69 -16.19 24.90 -12.74
C GLU B 69 -15.09 23.97 -12.22
N PRO B 70 -15.42 22.68 -11.88
CA PRO B 70 -14.43 21.73 -11.37
C PRO B 70 -13.25 21.57 -12.33
N PHE B 71 -12.02 21.60 -11.81
CA PHE B 71 -10.76 21.50 -12.60
C PHE B 71 -10.15 20.12 -12.36
N ALA B 72 -10.09 19.28 -13.41
CA ALA B 72 -9.56 17.89 -13.33
C ALA B 72 -8.06 17.93 -13.00
N VAL B 73 -7.61 17.09 -12.08
CA VAL B 73 -6.16 16.94 -11.75
C VAL B 73 -5.85 15.45 -11.66
N SER B 74 -4.58 15.08 -11.67
CA SER B 74 -4.11 13.69 -11.37
C SER B 74 -4.44 13.33 -9.91
N THR B 75 -4.51 12.03 -9.59
CA THR B 75 -4.88 11.53 -8.27
C THR B 75 -3.86 12.02 -7.24
N GLN B 76 -2.57 12.09 -7.61
CA GLN B 76 -1.49 12.52 -6.69
C GLN B 76 -1.82 13.94 -6.21
N THR B 77 -2.11 14.83 -7.15
CA THR B 77 -2.43 16.26 -6.84
C THR B 77 -3.62 16.25 -5.89
N LEU B 78 -4.69 15.55 -6.26
CA LEU B 78 -5.91 15.45 -5.41
C LEU B 78 -5.51 15.00 -4.00
N THR B 79 -4.75 13.90 -3.90
CA THR B 79 -4.34 13.29 -2.61
C THR B 79 -3.63 14.36 -1.72
N VAL B 80 -2.76 15.22 -2.29
CA VAL B 80 -2.01 16.25 -1.50
C VAL B 80 -2.98 17.35 -1.04
N VAL B 81 -3.87 17.79 -1.92
CA VAL B 81 -4.84 18.87 -1.58
C VAL B 81 -5.77 18.33 -0.48
N LYS B 82 -6.19 17.07 -0.57
CA LYS B 82 -7.07 16.45 0.44
C LYS B 82 -6.37 16.45 1.80
N GLU B 83 -5.16 15.95 1.87
CA GLU B 83 -4.34 16.02 3.12
C GLU B 83 -4.16 17.48 3.61
N ALA B 84 -3.88 18.45 2.72
CA ALA B 84 -3.73 19.88 3.12
C ALA B 84 -5.01 20.37 3.83
N ILE B 85 -6.19 19.98 3.32
CA ILE B 85 -7.49 20.39 3.92
C ILE B 85 -7.64 19.70 5.28
N ARG B 86 -7.30 18.41 5.36
CA ARG B 86 -7.42 17.67 6.64
C ARG B 86 -6.56 18.40 7.67
N LEU B 87 -5.31 18.75 7.32
CA LEU B 87 -4.36 19.32 8.29
C LEU B 87 -4.76 20.77 8.63
N ASN B 88 -5.41 21.46 7.70
CA ASN B 88 -6.06 22.77 7.99
C ASN B 88 -7.02 22.57 9.18
N GLY B 89 -7.84 21.52 9.13
CA GLY B 89 -8.83 21.18 10.17
C GLY B 89 -8.12 20.88 11.49
N LEU B 90 -7.21 19.92 11.45
CA LEU B 90 -6.45 19.46 12.63
C LEU B 90 -5.66 20.60 13.29
N THR B 91 -5.11 21.55 12.51
CA THR B 91 -4.27 22.67 13.03
C THR B 91 -5.11 23.95 13.20
N GLU B 92 -6.44 23.89 13.10
CA GLU B 92 -7.34 25.02 13.44
C GLU B 92 -7.06 26.18 12.48
N GLY B 93 -6.75 25.89 11.22
CA GLY B 93 -6.59 26.92 10.19
C GLY B 93 -5.14 27.37 10.04
N ALA B 94 -4.22 26.91 10.91
CA ALA B 94 -2.79 27.33 10.91
C ALA B 94 -2.17 27.00 9.55
N LEU B 95 -2.38 25.78 9.06
CA LEU B 95 -1.83 25.29 7.76
C LEU B 95 -2.85 25.55 6.67
N ASP B 96 -2.63 26.57 5.88
CA ASP B 96 -3.64 27.02 4.89
C ASP B 96 -2.92 27.23 3.56
N VAL B 97 -2.95 26.21 2.72
CA VAL B 97 -2.29 26.23 1.39
C VAL B 97 -2.89 27.29 0.48
N THR B 98 -4.01 27.92 0.84
CA THR B 98 -4.54 29.10 0.10
C THR B 98 -3.81 30.41 0.46
N VAL B 99 -2.76 30.42 1.31
CA VAL B 99 -1.98 31.68 1.60
C VAL B 99 -1.01 32.00 0.46
N GLY B 100 -1.04 31.26 -0.66
CA GLY B 100 -0.25 31.54 -1.88
C GLY B 100 -0.06 33.03 -2.15
N PRO B 101 -1.12 33.87 -2.23
CA PRO B 101 -0.94 35.30 -2.51
C PRO B 101 -0.11 36.10 -1.48
N LEU B 102 -0.13 35.66 -0.22
CA LEU B 102 0.66 36.30 0.85
C LEU B 102 2.11 35.77 0.81
N VAL B 103 2.31 34.47 0.65
CA VAL B 103 3.67 33.92 0.42
C VAL B 103 4.30 34.73 -0.73
N ASN B 104 3.64 34.84 -1.87
CA ASN B 104 4.15 35.62 -3.04
C ASN B 104 4.46 37.07 -2.61
N LEU B 105 3.54 37.75 -1.93
CA LEU B 105 3.68 39.19 -1.58
C LEU B 105 4.97 39.43 -0.79
N TRP B 106 5.25 38.57 0.19
CA TRP B 106 6.36 38.76 1.15
C TRP B 106 7.68 38.27 0.56
N GLY B 107 7.65 37.79 -0.68
CA GLY B 107 8.87 37.49 -1.46
C GLY B 107 9.35 36.06 -1.34
N PHE B 108 8.52 35.13 -0.83
CA PHE B 108 8.88 33.71 -0.61
C PHE B 108 8.33 32.79 -1.71
N GLY B 109 7.86 33.32 -2.83
CA GLY B 109 7.26 32.52 -3.92
C GLY B 109 7.87 32.86 -5.28
N PRO B 110 7.23 32.43 -6.38
CA PRO B 110 7.75 32.71 -7.71
C PRO B 110 7.56 34.17 -8.14
N GLU B 111 6.67 34.94 -7.49
CA GLU B 111 6.41 36.37 -7.87
C GLU B 111 7.64 37.22 -7.53
N ALA B 112 8.09 38.06 -8.46
CA ALA B 112 9.22 39.00 -8.31
C ALA B 112 8.76 40.14 -7.39
N ARG B 113 9.50 40.45 -6.32
CA ARG B 113 9.05 41.45 -5.30
C ARG B 113 10.18 42.44 -5.04
N PRO B 114 9.83 43.72 -4.81
CA PRO B 114 10.82 44.70 -4.37
C PRO B 114 11.25 44.40 -2.94
N ASP B 115 12.31 45.09 -2.49
CA ASP B 115 12.78 45.16 -1.09
C ASP B 115 11.89 46.11 -0.27
N VAL B 116 11.08 46.91 -0.92
CA VAL B 116 10.07 47.81 -0.24
C VAL B 116 8.97 46.96 0.43
N VAL B 117 8.68 47.24 1.70
CA VAL B 117 7.61 46.58 2.51
C VAL B 117 6.24 46.86 1.88
N PRO B 118 5.36 45.85 1.73
CA PRO B 118 4.00 46.11 1.23
C PRO B 118 3.23 47.11 2.12
N THR B 119 2.43 47.96 1.48
CA THR B 119 1.52 48.90 2.16
C THR B 119 0.41 48.08 2.85
N ASP B 120 -0.26 48.67 3.83
CA ASP B 120 -1.46 48.03 4.44
C ASP B 120 -2.50 47.68 3.38
N GLU B 121 -2.67 48.50 2.33
CA GLU B 121 -3.78 48.29 1.36
C GLU B 121 -3.42 47.12 0.45
N GLU B 122 -2.15 47.02 0.02
CA GLU B 122 -1.67 45.86 -0.80
C GLU B 122 -1.90 44.59 0.04
N LEU B 123 -1.53 44.65 1.33
CA LEU B 123 -1.58 43.50 2.24
C LEU B 123 -3.04 43.05 2.36
N ASN B 124 -3.95 43.97 2.68
CA ASN B 124 -5.39 43.66 2.94
C ASN B 124 -6.05 43.07 1.68
N ALA B 125 -5.68 43.54 0.49
CA ALA B 125 -6.14 42.96 -0.80
C ALA B 125 -5.67 41.50 -0.95
N ARG B 126 -4.43 41.19 -0.54
CA ARG B 126 -3.87 39.83 -0.68
C ARG B 126 -4.61 38.94 0.31
N ARG B 127 -4.81 39.42 1.54
CA ARG B 127 -5.49 38.63 2.60
C ARG B 127 -6.93 38.30 2.17
N ALA B 128 -7.59 39.21 1.45
CA ALA B 128 -9.01 39.05 1.02
C ALA B 128 -9.18 37.93 -0.01
N ILE B 129 -8.13 37.50 -0.71
CA ILE B 129 -8.21 36.43 -1.75
C ILE B 129 -7.55 35.14 -1.20
N THR B 130 -7.52 34.99 0.12
CA THR B 130 -7.06 33.77 0.82
C THR B 130 -8.19 33.22 1.69
N GLY B 131 -8.09 31.94 2.07
CA GLY B 131 -9.05 31.24 2.93
C GLY B 131 -9.37 29.87 2.38
N ILE B 132 -9.19 28.84 3.22
CA ILE B 132 -9.33 27.41 2.84
C ILE B 132 -10.78 27.12 2.44
N GLU B 133 -11.73 27.90 2.96
CA GLU B 133 -13.18 27.76 2.66
C GLU B 133 -13.43 27.96 1.16
N HIS B 134 -12.61 28.70 0.43
CA HIS B 134 -12.82 28.96 -1.02
C HIS B 134 -12.50 27.71 -1.85
N LEU B 135 -11.83 26.72 -1.27
CA LEU B 135 -11.33 25.51 -1.99
C LEU B 135 -12.16 24.29 -1.60
N THR B 136 -12.67 23.57 -2.60
CA THR B 136 -13.42 22.30 -2.44
C THR B 136 -12.92 21.28 -3.47
N ILE B 137 -13.10 20.00 -3.16
CA ILE B 137 -12.68 18.85 -4.02
C ILE B 137 -13.89 17.95 -4.25
N GLU B 138 -13.92 17.28 -5.40
CA GLU B 138 -14.91 16.22 -5.71
C GLU B 138 -14.27 15.30 -6.75
N GLY B 139 -14.20 14.01 -6.45
CA GLY B 139 -13.41 13.04 -7.22
C GLY B 139 -11.99 13.54 -7.41
N ASN B 140 -11.50 13.45 -8.66
CA ASN B 140 -10.17 13.95 -9.04
C ASN B 140 -10.32 15.36 -9.65
N THR B 141 -11.01 16.27 -8.95
CA THR B 141 -11.23 17.67 -9.40
C THR B 141 -11.07 18.66 -8.23
N LEU B 142 -10.61 19.87 -8.56
CA LEU B 142 -10.53 20.99 -7.61
C LEU B 142 -11.51 22.08 -8.07
N SER B 143 -12.16 22.74 -7.12
CA SER B 143 -13.02 23.91 -7.39
C SER B 143 -12.63 25.07 -6.48
N LYS B 144 -12.59 26.27 -7.06
CA LYS B 144 -12.39 27.53 -6.28
C LYS B 144 -13.53 28.49 -6.55
N ASP B 145 -14.05 29.12 -5.50
CA ASP B 145 -15.23 30.02 -5.59
C ASP B 145 -14.82 31.49 -5.78
N ILE B 146 -13.53 31.85 -5.80
CA ILE B 146 -13.02 33.20 -6.23
C ILE B 146 -11.93 32.99 -7.27
N PRO B 147 -11.92 33.79 -8.36
CA PRO B 147 -11.01 33.50 -9.47
C PRO B 147 -9.53 33.67 -9.08
N GLU B 148 -9.25 34.45 -8.03
CA GLU B 148 -7.85 34.86 -7.71
C GLU B 148 -7.21 33.92 -6.69
N LEU B 149 -7.90 32.88 -6.23
CA LEU B 149 -7.33 31.89 -5.28
C LEU B 149 -6.05 31.32 -5.89
N TYR B 150 -5.00 31.28 -5.09
CA TYR B 150 -3.66 30.76 -5.48
C TYR B 150 -3.24 29.75 -4.41
N VAL B 151 -3.26 28.48 -4.81
CA VAL B 151 -2.89 27.35 -3.92
C VAL B 151 -1.37 27.12 -4.03
N ASP B 152 -0.74 27.01 -2.87
CA ASP B 152 0.71 26.73 -2.67
C ASP B 152 0.82 25.41 -1.92
N LEU B 153 1.43 24.37 -2.51
CA LEU B 153 1.67 23.07 -1.82
C LEU B 153 3.15 22.94 -1.41
N SER B 154 3.91 24.03 -1.42
CA SER B 154 5.34 24.09 -1.00
C SER B 154 5.52 23.44 0.39
N THR B 155 4.53 23.50 1.28
CA THR B 155 4.66 23.04 2.69
C THR B 155 4.47 21.52 2.83
N ILE B 156 4.08 20.81 1.75
CA ILE B 156 3.51 19.44 1.85
C ILE B 156 3.91 18.60 0.62
N ALA B 157 4.17 19.19 -0.56
CA ALA B 157 4.47 18.41 -1.81
C ALA B 157 5.91 17.88 -1.75
N LYS B 158 6.77 18.49 -0.94
CA LYS B 158 8.14 17.94 -0.70
C LYS B 158 8.01 16.58 0.01
N GLY B 159 7.33 16.53 1.15
CA GLY B 159 6.98 15.28 1.85
C GLY B 159 6.34 14.24 0.92
N TRP B 160 5.37 14.64 0.09
CA TRP B 160 4.72 13.73 -0.89
C TRP B 160 5.78 13.09 -1.76
N GLY B 161 6.68 13.90 -2.34
CA GLY B 161 7.80 13.43 -3.16
C GLY B 161 8.58 12.35 -2.43
N VAL B 162 8.95 12.61 -1.17
CA VAL B 162 9.68 11.61 -0.35
C VAL B 162 8.86 10.32 -0.32
N ASP B 163 7.56 10.41 -0.05
CA ASP B 163 6.65 9.25 0.09
C ASP B 163 6.58 8.44 -1.22
N VAL B 164 6.46 9.13 -2.35
CA VAL B 164 6.44 8.54 -3.72
C VAL B 164 7.71 7.72 -3.92
N VAL B 165 8.87 8.29 -3.59
CA VAL B 165 10.20 7.64 -3.83
C VAL B 165 10.37 6.46 -2.87
N ALA B 166 10.05 6.61 -1.58
CA ALA B 166 10.12 5.51 -0.58
C ALA B 166 9.25 4.33 -1.07
N ASP B 167 8.00 4.61 -1.47
CA ASP B 167 7.06 3.56 -1.97
CA ASP B 167 7.05 3.59 -2.01
C ASP B 167 7.67 2.89 -3.21
N TYR B 168 8.29 3.65 -4.11
CA TYR B 168 8.88 3.04 -5.32
C TYR B 168 10.03 2.13 -4.87
N LEU B 169 10.82 2.54 -3.89
CA LEU B 169 11.95 1.68 -3.42
C LEU B 169 11.35 0.40 -2.83
N GLN B 170 10.25 0.47 -2.07
CA GLN B 170 9.60 -0.78 -1.55
C GLN B 170 9.12 -1.65 -2.72
N SER B 171 8.51 -1.06 -3.75
CA SER B 171 8.02 -1.77 -4.97
C SER B 171 9.18 -2.48 -5.69
N GLN B 172 10.43 -2.11 -5.43
CA GLN B 172 11.64 -2.66 -6.11
C GLN B 172 12.39 -3.62 -5.17
N GLY B 173 11.83 -3.88 -3.98
CA GLY B 173 12.31 -4.89 -3.03
C GLY B 173 13.42 -4.37 -2.15
N ILE B 174 13.54 -3.05 -2.02
CA ILE B 174 14.61 -2.39 -1.22
C ILE B 174 14.04 -2.08 0.17
N GLU B 175 14.57 -2.71 1.21
CA GLU B 175 13.99 -2.74 2.57
C GLU B 175 14.74 -1.79 3.51
N ASN B 176 15.92 -1.33 3.08
CA ASN B 176 16.88 -0.52 3.86
C ASN B 176 17.21 0.76 3.08
N TYR B 177 16.61 1.90 3.43
CA TYR B 177 16.77 3.14 2.65
C TYR B 177 16.64 4.36 3.58
N MET B 178 17.17 5.46 3.07
CA MET B 178 16.94 6.84 3.54
C MET B 178 16.65 7.70 2.32
N VAL B 179 15.51 8.36 2.33
CA VAL B 179 15.10 9.24 1.22
C VAL B 179 15.10 10.65 1.81
N GLU B 180 15.84 11.57 1.21
CA GLU B 180 15.91 12.95 1.72
C GLU B 180 15.69 13.91 0.54
N ILE B 181 14.66 14.75 0.67
CA ILE B 181 14.46 15.86 -0.30
C ILE B 181 14.36 17.15 0.50
N GLY B 182 15.25 18.11 0.20
CA GLY B 182 15.33 19.41 0.90
C GLY B 182 15.19 19.27 2.41
N GLY B 183 15.73 18.20 3.01
CA GLY B 183 15.74 18.08 4.48
C GLY B 183 14.53 17.36 5.04
N GLU B 184 13.46 17.16 4.25
CA GLU B 184 12.38 16.18 4.52
C GLU B 184 12.95 14.76 4.33
N ILE B 185 12.72 13.85 5.29
CA ILE B 185 13.39 12.51 5.30
C ILE B 185 12.37 11.39 5.53
N ARG B 186 12.58 10.26 4.86
CA ARG B 186 11.92 8.99 5.21
C ARG B 186 12.96 7.86 5.30
N LEU B 187 12.81 6.99 6.29
CA LEU B 187 13.76 5.93 6.69
C LEU B 187 13.06 4.57 6.69
N LYS B 188 13.79 3.54 6.37
CA LYS B 188 13.40 2.14 6.68
C LYS B 188 14.67 1.29 6.84
N GLY B 189 14.57 0.28 7.71
CA GLY B 189 15.58 -0.75 7.97
C GLY B 189 16.84 -0.17 8.56
N LEU B 190 17.96 -0.61 8.01
CA LEU B 190 19.29 -0.49 8.63
C LEU B 190 20.25 0.14 7.63
N ASN B 191 21.23 0.88 8.12
CA ASN B 191 22.25 1.58 7.31
C ASN B 191 23.41 0.62 6.96
N ARG B 192 24.52 1.17 6.43
CA ARG B 192 25.71 0.41 5.96
C ARG B 192 26.34 -0.40 7.10
N ASP B 193 26.15 0.01 8.36
CA ASP B 193 26.79 -0.60 9.57
C ASP B 193 25.81 -1.53 10.29
N GLY B 194 24.66 -1.84 9.69
CA GLY B 194 23.61 -2.69 10.27
C GLY B 194 22.92 -2.05 11.49
N VAL B 195 22.95 -0.72 11.63
CA VAL B 195 22.20 0.01 12.71
C VAL B 195 21.15 0.91 12.07
N PRO B 196 20.07 1.27 12.82
CA PRO B 196 19.00 2.10 12.29
C PRO B 196 19.52 3.50 11.88
N TRP B 197 19.14 3.94 10.68
CA TRP B 197 19.60 5.23 10.10
C TRP B 197 19.65 6.30 11.20
N ARG B 198 20.65 7.17 11.16
CA ARG B 198 20.90 8.18 12.23
C ARG B 198 20.61 9.58 11.67
N ILE B 199 19.93 10.40 12.46
CA ILE B 199 19.46 11.77 12.08
C ILE B 199 19.91 12.74 13.16
N ALA B 200 20.40 13.92 12.78
CA ALA B 200 20.84 15.01 13.69
C ALA B 200 19.74 16.05 13.90
N ILE B 201 19.37 16.30 15.15
CA ILE B 201 18.46 17.41 15.55
C ILE B 201 19.35 18.49 16.17
N GLU B 202 19.40 19.67 15.55
CA GLU B 202 20.35 20.76 15.90
C GLU B 202 19.67 21.70 16.90
N LYS B 203 20.34 22.01 18.03
CA LYS B 203 19.79 22.80 19.17
C LYS B 203 20.64 24.04 19.41
N PRO B 204 20.04 25.26 19.44
CA PRO B 204 20.69 26.43 20.03
C PRO B 204 20.88 26.26 21.54
N VAL B 211 25.23 22.87 18.94
CA VAL B 211 24.98 21.55 19.61
C VAL B 211 24.05 20.73 18.73
N GLN B 212 24.32 19.42 18.57
CA GLN B 212 23.50 18.47 17.77
C GLN B 212 23.41 17.12 18.48
N GLU B 213 22.19 16.59 18.69
CA GLU B 213 21.97 15.22 19.21
C GLU B 213 21.55 14.33 18.05
N ILE B 214 22.06 13.11 18.00
CA ILE B 214 21.75 12.10 16.94
C ILE B 214 20.69 11.15 17.49
N ILE B 215 19.59 10.93 16.75
CA ILE B 215 18.49 10.00 17.15
C ILE B 215 18.25 8.98 16.02
N GLU B 216 17.55 7.88 16.35
CA GLU B 216 17.18 6.76 15.45
C GLU B 216 15.66 6.65 15.32
N PRO B 217 15.00 7.34 14.36
CA PRO B 217 13.54 7.30 14.24
C PRO B 217 12.93 5.91 13.97
N GLY B 218 13.72 4.93 13.55
CA GLY B 218 13.19 3.64 13.08
C GLY B 218 12.52 3.79 11.72
N ASP B 219 11.41 3.12 11.48
CA ASP B 219 10.70 3.18 10.18
C ASP B 219 9.69 4.31 10.25
N TYR B 220 10.09 5.48 9.80
CA TYR B 220 9.43 6.78 10.09
C TYR B 220 9.85 7.85 9.07
N ALA B 221 8.99 8.84 8.88
CA ALA B 221 9.32 10.12 8.21
C ALA B 221 9.60 11.21 9.28
N ILE B 222 10.49 12.14 8.98
CA ILE B 222 10.89 13.30 9.84
C ILE B 222 10.86 14.56 8.99
N ALA B 223 10.19 15.60 9.46
CA ALA B 223 10.19 16.91 8.79
C ALA B 223 10.51 17.99 9.82
N THR B 224 11.24 19.04 9.43
CA THR B 224 11.60 20.19 10.30
C THR B 224 11.28 21.52 9.59
N SER B 225 10.62 22.41 10.31
CA SER B 225 10.30 23.81 9.93
C SER B 225 11.15 24.76 10.80
N GLY B 226 11.57 25.91 10.23
N GLY B 226 11.78 25.73 10.12
CA GLY B 226 12.43 26.91 10.91
CA GLY B 226 12.89 26.56 10.65
C GLY B 226 12.20 28.35 10.45
C GLY B 226 14.26 26.02 10.24
N GLY B 241 9.84 30.65 5.11
CA GLY B 241 8.92 31.69 4.60
C GLY B 241 7.48 31.44 5.04
N ILE B 242 7.28 31.23 6.34
CA ILE B 242 5.99 30.79 6.94
C ILE B 242 5.13 32.01 7.23
N ILE B 243 3.86 31.98 6.81
CA ILE B 243 2.87 33.08 6.95
C ILE B 243 1.85 32.67 8.02
N ASP B 244 1.57 33.56 8.96
CA ASP B 244 0.48 33.39 9.93
C ASP B 244 -0.82 33.77 9.22
N PRO B 245 -1.75 32.84 8.95
CA PRO B 245 -2.96 33.17 8.22
C PRO B 245 -3.81 34.24 8.94
N THR B 246 -3.69 34.35 10.28
CA THR B 246 -4.49 35.30 11.09
C THR B 246 -4.03 36.72 10.73
N THR B 247 -2.71 36.97 10.72
CA THR B 247 -2.11 38.31 10.50
C THR B 247 -1.87 38.59 9.00
N GLY B 248 -1.72 37.56 8.14
CA GLY B 248 -1.27 37.74 6.74
C GLY B 248 0.22 38.11 6.65
N ARG B 249 0.97 37.97 7.74
CA ARG B 249 2.38 38.43 7.85
C ARG B 249 3.28 37.22 8.12
N PRO B 250 4.60 37.31 7.80
CA PRO B 250 5.54 36.29 8.22
C PRO B 250 5.36 36.05 9.73
N ILE B 251 5.36 34.78 10.11
CA ILE B 251 5.13 34.34 11.50
C ILE B 251 6.09 35.10 12.42
N ASN B 252 5.65 35.43 13.63
CA ASN B 252 6.54 36.08 14.63
C ASN B 252 6.10 35.69 16.04
N ASN B 253 6.07 34.39 16.34
CA ASN B 253 6.05 33.85 17.72
C ASN B 253 7.52 33.51 18.02
N ARG B 254 7.81 32.86 19.13
CA ARG B 254 9.25 32.61 19.41
C ARG B 254 9.50 31.11 19.27
N VAL B 255 8.72 30.47 18.40
CA VAL B 255 9.04 29.11 17.88
C VAL B 255 10.17 29.28 16.85
N VAL B 256 11.30 28.66 17.14
CA VAL B 256 12.55 28.75 16.33
C VAL B 256 12.56 27.63 15.29
N SER B 257 12.22 26.41 15.70
CA SER B 257 12.09 25.23 14.82
C SER B 257 11.09 24.26 15.44
N VAL B 258 10.42 23.48 14.59
CA VAL B 258 9.57 22.32 14.98
C VAL B 258 10.04 21.12 14.17
N THR B 259 10.06 19.94 14.78
CA THR B 259 10.38 18.64 14.15
C THR B 259 9.24 17.68 14.45
N VAL B 260 8.79 16.94 13.44
CA VAL B 260 7.62 16.01 13.55
C VAL B 260 8.02 14.66 12.96
N LEU B 261 7.61 13.57 13.62
CA LEU B 261 7.66 12.19 13.08
C LEU B 261 6.26 11.77 12.67
N ASP B 262 6.16 11.02 11.57
CA ASP B 262 4.90 10.41 11.09
C ASP B 262 5.28 9.33 10.09
N LYS B 263 4.44 8.32 9.93
CA LYS B 263 4.65 7.28 8.89
C LYS B 263 4.78 7.95 7.52
N SER B 264 4.05 9.05 7.29
CA SER B 264 4.02 9.74 5.98
C SER B 264 4.86 11.03 6.04
N CYS B 265 5.75 11.20 5.08
CA CYS B 265 6.59 12.40 5.03
C CYS B 265 5.69 13.56 4.63
N MET B 266 4.76 13.35 3.73
CA MET B 266 3.73 14.37 3.42
C MET B 266 3.12 14.90 4.71
N THR B 267 2.60 14.01 5.56
CA THR B 267 1.87 14.38 6.78
C THR B 267 2.82 15.10 7.74
N ALA B 268 4.06 14.62 7.88
CA ALA B 268 5.03 15.23 8.84
C ALA B 268 5.39 16.65 8.36
N ASP B 269 5.55 16.81 7.04
CA ASP B 269 5.92 18.10 6.41
C ASP B 269 4.81 19.12 6.70
N GLY B 270 3.55 18.72 6.45
CA GLY B 270 2.38 19.54 6.79
C GLY B 270 2.35 19.93 8.27
N LEU B 271 2.43 18.95 9.15
CA LEU B 271 2.32 19.16 10.61
C LEU B 271 3.44 20.07 11.12
N ALA B 272 4.68 19.92 10.66
CA ALA B 272 5.80 20.70 11.24
C ALA B 272 5.50 22.20 11.08
N THR B 273 5.07 22.60 9.89
CA THR B 273 4.75 24.01 9.54
C THR B 273 3.48 24.44 10.31
N GLY B 274 2.44 23.61 10.31
CA GLY B 274 1.18 23.87 11.02
C GLY B 274 1.42 24.15 12.49
N LEU B 275 2.11 23.24 13.17
CA LEU B 275 2.26 23.30 14.66
C LEU B 275 3.16 24.47 15.00
N MET B 276 4.06 24.82 14.10
CA MET B 276 4.92 26.02 14.28
C MET B 276 4.03 27.27 14.28
N VAL B 277 3.12 27.37 13.31
CA VAL B 277 2.21 28.55 13.17
C VAL B 277 1.26 28.60 14.38
N MET B 278 0.81 27.45 14.90
CA MET B 278 -0.09 27.41 16.09
C MET B 278 0.63 27.97 17.33
N GLY B 279 1.97 27.97 17.35
CA GLY B 279 2.75 28.30 18.56
C GLY B 279 2.76 27.16 19.55
N GLU B 280 3.56 27.29 20.62
CA GLU B 280 3.99 26.16 21.48
C GLU B 280 2.82 25.67 22.34
N GLU B 281 1.97 26.57 22.81
CA GLU B 281 0.85 26.21 23.71
C GLU B 281 -0.16 25.37 22.91
N ARG B 282 -0.77 25.94 21.87
CA ARG B 282 -1.83 25.25 21.06
C ARG B 282 -1.25 24.05 20.30
N GLY B 283 -0.10 24.22 19.64
CA GLY B 283 0.55 23.15 18.86
C GLY B 283 0.82 21.92 19.72
N MET B 284 1.41 22.08 20.89
CA MET B 284 1.71 20.91 21.77
C MET B 284 0.40 20.26 22.24
N ALA B 285 -0.68 21.02 22.38
CA ALA B 285 -2.00 20.49 22.77
C ALA B 285 -2.51 19.55 21.65
N VAL B 286 -2.32 19.91 20.38
CA VAL B 286 -2.71 19.03 19.23
C VAL B 286 -1.86 17.76 19.27
N ALA B 287 -0.55 17.91 19.45
CA ALA B 287 0.43 16.79 19.45
C ALA B 287 0.06 15.78 20.55
N GLU B 288 -0.37 16.28 21.70
CA GLU B 288 -0.73 15.44 22.87
C GLU B 288 -2.06 14.72 22.59
N ALA B 289 -3.07 15.40 22.03
CA ALA B 289 -4.40 14.80 21.80
C ALA B 289 -4.32 13.74 20.70
N ASN B 290 -3.30 13.81 19.84
CA ASN B 290 -3.25 13.06 18.56
C ASN B 290 -2.05 12.10 18.49
N GLN B 291 -1.20 12.04 19.52
CA GLN B 291 -0.08 11.06 19.60
C GLN B 291 0.93 11.38 18.49
N ILE B 292 1.15 12.66 18.19
CA ILE B 292 2.18 13.15 17.23
C ILE B 292 3.49 13.36 18.00
N PRO B 293 4.60 12.69 17.62
CA PRO B 293 5.92 13.00 18.17
C PRO B 293 6.42 14.33 17.57
N VAL B 294 6.67 15.31 18.45
CA VAL B 294 7.03 16.72 18.11
C VAL B 294 8.13 17.24 19.06
N LEU B 295 9.12 17.94 18.50
CA LEU B 295 10.12 18.71 19.26
C LEU B 295 10.09 20.15 18.76
N MET B 296 9.90 21.08 19.69
CA MET B 296 9.81 22.54 19.45
C MET B 296 10.94 23.23 20.21
N ILE B 297 11.74 24.05 19.52
CA ILE B 297 12.72 24.97 20.13
C ILE B 297 12.10 26.37 20.17
N VAL B 298 12.00 26.93 21.37
CA VAL B 298 11.31 28.23 21.65
C VAL B 298 12.30 29.22 22.27
N LYS B 299 12.40 30.42 21.69
CA LYS B 299 13.18 31.56 22.23
C LYS B 299 12.44 32.10 23.44
N THR B 300 13.14 32.25 24.57
CA THR B 300 12.62 32.82 25.83
C THR B 300 13.60 33.88 26.32
N ASP B 301 13.33 34.45 27.50
CA ASP B 301 14.23 35.39 28.22
C ASP B 301 15.47 34.62 28.67
N ASP B 302 16.65 35.04 28.20
CA ASP B 302 17.99 34.56 28.66
C ASP B 302 18.25 33.15 28.10
N GLY B 303 17.47 32.72 27.09
CA GLY B 303 17.89 31.68 26.13
C GLY B 303 16.72 30.89 25.53
N PHE B 304 17.03 29.68 25.09
CA PHE B 304 16.18 28.82 24.22
C PHE B 304 15.71 27.60 25.02
N LYS B 305 14.51 27.09 24.73
CA LYS B 305 13.91 25.95 25.48
C LYS B 305 13.27 24.92 24.53
N GLU B 306 13.36 23.65 24.96
CA GLU B 306 12.76 22.47 24.28
C GLU B 306 11.39 22.21 24.89
N TYR B 307 10.45 21.82 24.04
CA TYR B 307 9.17 21.13 24.39
C TYR B 307 9.09 19.90 23.49
N ALA B 308 9.12 18.72 24.11
CA ALA B 308 8.89 17.42 23.46
C ALA B 308 7.49 16.94 23.81
N SER B 309 6.72 16.49 22.81
CA SER B 309 5.45 15.76 23.00
C SER B 309 5.77 14.42 23.67
N SER B 310 4.81 13.81 24.38
CA SER B 310 5.04 12.54 25.11
C SER B 310 5.54 11.48 24.12
N SER B 311 4.95 11.39 22.93
CA SER B 311 5.27 10.35 21.92
C SER B 311 6.65 10.57 21.28
N PHE B 312 7.26 11.76 21.41
CA PHE B 312 8.64 12.05 20.93
C PHE B 312 9.71 11.60 21.95
N LYS B 313 9.38 11.61 23.25
CA LYS B 313 10.36 11.50 24.36
C LYS B 313 11.14 10.19 24.32
N PRO B 314 10.53 9.02 24.01
CA PRO B 314 11.31 7.79 23.78
C PRO B 314 12.50 7.92 22.80
N PHE B 315 12.45 8.84 21.84
CA PHE B 315 13.54 9.04 20.84
C PHE B 315 14.68 9.86 21.46
N LEU B 316 14.43 10.58 22.55
CA LEU B 316 15.48 11.17 23.41
C LEU B 316 15.73 10.18 24.54
PA FAD C . -7.60 -22.47 -3.71
O1A FAD C . -8.22 -23.24 -2.59
O2A FAD C . -7.36 -21.01 -3.48
O5B FAD C . -6.18 -23.15 -4.06
C5B FAD C . -6.10 -24.48 -4.54
C4B FAD C . -4.81 -24.70 -5.29
O4B FAD C . -3.66 -24.61 -4.41
C3B FAD C . -4.69 -26.10 -5.89
O3B FAD C . -5.33 -26.08 -7.14
C2B FAD C . -3.17 -26.28 -6.04
O2B FAD C . -2.70 -25.69 -7.24
C1B FAD C . -2.66 -25.57 -4.77
N9A FAD C . -2.45 -26.36 -3.60
C8A FAD C . -3.12 -27.50 -3.21
N7A FAD C . -2.81 -27.91 -2.00
C5A FAD C . -1.97 -26.93 -1.51
C6A FAD C . -1.34 -26.80 -0.26
N6A FAD C . -1.53 -27.67 0.74
N1A FAD C . -0.57 -25.71 -0.09
C2A FAD C . -0.42 -24.88 -1.13
N3A FAD C . -0.98 -24.89 -2.36
C4A FAD C . -1.73 -25.99 -2.49
N1 FAD C . -5.76 -22.95 -14.50
C2 FAD C . -5.90 -23.42 -15.80
O2 FAD C . -6.61 -24.37 -16.08
N3 FAD C . -5.28 -22.81 -16.84
C4 FAD C . -4.47 -21.73 -16.66
O4 FAD C . -3.92 -21.25 -17.64
C4X FAD C . -4.28 -21.23 -15.33
N5 FAD C . -3.46 -20.20 -15.13
C5X FAD C . -3.32 -19.77 -13.82
C6 FAD C . -2.52 -18.66 -13.56
C7 FAD C . -2.33 -18.19 -12.28
C7M FAD C . -1.45 -17.00 -12.03
C8 FAD C . -2.99 -18.80 -11.21
C8M FAD C . -2.78 -18.28 -9.81
C9 FAD C . -3.77 -19.87 -11.44
C9A FAD C . -3.97 -20.38 -12.73
N10 FAD C . -4.78 -21.47 -12.99
C10 FAD C . -4.98 -21.92 -14.30
C1' FAD C . -5.58 -22.09 -11.91
C2' FAD C . -4.85 -23.08 -11.02
O2' FAD C . -4.45 -24.27 -11.72
C3' FAD C . -5.84 -23.47 -9.91
O3' FAD C . -6.91 -24.20 -10.47
C4' FAD C . -6.53 -22.28 -9.25
O4' FAD C . -5.52 -21.36 -8.81
C5' FAD C . -7.49 -22.71 -8.16
O5' FAD C . -7.58 -21.74 -7.07
P FAD C . -8.90 -21.71 -6.15
O1P FAD C . -9.94 -22.36 -6.95
O2P FAD C . -8.98 -20.30 -5.66
O3P FAD C . -8.50 -22.71 -5.00
MG MG D . -6.12 -20.32 -1.76
MG MG E . -8.00 -19.34 -4.27
PA FAD F . 8.00 24.42 5.21
O1A FAD F . 8.09 24.98 6.60
O2A FAD F . 7.78 22.94 5.03
O5B FAD F . 6.87 25.16 4.37
C5B FAD F . 6.99 26.60 4.19
C4B FAD F . 6.43 27.01 2.85
O4B FAD F . 5.01 26.73 2.81
C3B FAD F . 6.53 28.51 2.53
O3B FAD F . 7.75 28.75 1.87
C2B FAD F . 5.30 28.75 1.66
O2B FAD F . 5.45 28.37 0.32
C1B FAD F . 4.27 27.84 2.32
N9A FAD F . 3.53 28.41 3.43
C8A FAD F . 3.90 29.46 4.25
N7A FAD F . 3.05 29.66 5.23
C5A FAD F . 2.11 28.65 5.09
C6A FAD F . 0.98 28.30 5.85
N6A FAD F . 0.62 28.95 6.97
N1A FAD F . 0.28 27.21 5.45
C2A FAD F . 0.65 26.58 4.33
N3A FAD F . 1.72 26.80 3.55
C4A FAD F . 2.39 27.88 3.98
N1 FAD F . 11.79 26.82 -4.87
C2 FAD F . 12.45 27.49 -5.81
O2 FAD F . 13.17 28.44 -5.52
N3 FAD F . 12.35 27.16 -7.14
C4 FAD F . 11.57 26.14 -7.60
O4 FAD F . 11.52 25.89 -8.80
C4X FAD F . 10.85 25.41 -6.61
N5 FAD F . 10.07 24.42 -7.00
C5X FAD F . 9.38 23.74 -6.01
C6 FAD F . 8.56 22.67 -6.39
C7 FAD F . 7.83 21.95 -5.46
C7M FAD F . 6.95 20.81 -5.89
C8 FAD F . 7.94 22.29 -4.09
C8M FAD F . 7.19 21.52 -3.04
C9 FAD F . 8.76 23.32 -3.70
C9A FAD F . 9.48 24.07 -4.64
N10 FAD F . 10.30 25.15 -4.28
C10 FAD F . 11.01 25.83 -5.24
C1' FAD F . 10.51 25.50 -2.85
C2' FAD F . 9.39 26.31 -2.26
O2' FAD F . 9.31 27.60 -2.87
C3' FAD F . 9.61 26.49 -0.75
O3' FAD F . 10.69 27.37 -0.53
C4' FAD F . 9.94 25.22 0.03
O4' FAD F . 9.02 24.18 -0.31
C5' FAD F . 9.94 25.47 1.50
O5' FAD F . 10.12 24.21 2.17
P FAD F . 10.51 24.16 3.73
O1P FAD F . 11.76 24.90 3.84
O2P FAD F . 10.42 22.68 3.96
O3P FAD F . 9.33 24.91 4.48
MG MG G . 5.76 21.86 5.79
MG MG H . 8.95 21.43 4.40
#